data_3RSC
#
_entry.id   3RSC
#
_cell.length_a   88.289
_cell.length_b   48.592
_cell.length_c   108.393
_cell.angle_alpha   90.000
_cell.angle_beta   101.710
_cell.angle_gamma   90.000
#
_symmetry.space_group_name_H-M   'P 1 21 1'
#
loop_
_entity.id
_entity.type
_entity.pdbx_description
1 polymer CalG2
2 non-polymer "THYMIDINE-5'-DIPHOSPHATE"
3 non-polymer 'Calicheamicin T0'
4 non-polymer 'PHOSPHATE ION'
5 water water
#
_entity_poly.entity_id   1
_entity_poly.type   'polypeptide(L)'
_entity_poly.pdbx_seq_one_letter_code
;(MSE)GHHHHHHHHSSGHIEGRH(MSE)AHLLIVNVASHGLILPTLTVVTELVRRGHRVSYVTAGGFAEPVRAAGATVVP
YQSEIIDADAAEVFGSDDLGVRPHL(MSE)YLRENVSVLRATAEALDGDVPDLVLYDDFPFIAGQLLAARWRRPAVRLSA
AFASNEHYSFSQD(MSE)VTLAGTIDPLDLPVFRDTLRDLLAEHGLSRSVVDCWNHVEQLNLVFVPKAFQIAGDTFDDRF
VFVGPCFDDRRFLGEWTRPADDLPVVLVSLGTTFNDRPGFFRDCARAFDGQPWHVV(MSE)TLGGQVDPAALGDLPPNVE
AHRWVPHVKVLEQATVCVTHGG(MSE)GTL(MSE)EALYWGRPLVVVPQSFDVQP(MSE)ARRVDQLGLGAVLPGEKADG
DTLLAAVGAVAADPALLARVEA(MSE)RGHVRRAGGAARAADAVEAYLARA
;
_entity_poly.pdbx_strand_id   A,B
#
loop_
_chem_comp.id
_chem_comp.type
_chem_comp.name
_chem_comp.formula
C0T non-polymer 'Calicheamicin T0' 'C24 H28 N2 O9 S3'
PO4 non-polymer 'PHOSPHATE ION' 'O4 P -3'
TYD non-polymer THYMIDINE-5'-DIPHOSPHATE 'C10 H16 N2 O11 P2'
#
# COMPACT_ATOMS: atom_id res chain seq x y z
N HIS A 19 -30.25 9.66 -28.50
CA HIS A 19 -28.98 9.08 -28.07
C HIS A 19 -27.85 10.11 -28.08
N MSE A 20 -27.81 10.90 -29.15
CA MSE A 20 -26.69 11.82 -29.40
C MSE A 20 -26.39 12.74 -28.22
O MSE A 20 -27.28 13.39 -27.69
CB MSE A 20 -26.96 12.63 -30.66
CG MSE A 20 -27.57 11.81 -31.79
SE MSE A 20 -26.54 10.18 -32.14
CE MSE A 20 -25.75 10.72 -33.85
N ALA A 21 -25.12 12.82 -27.85
CA ALA A 21 -24.73 13.55 -26.65
C ALA A 21 -23.47 14.39 -26.78
N HIS A 22 -23.36 15.39 -25.91
CA HIS A 22 -22.13 16.17 -25.76
C HIS A 22 -21.30 15.58 -24.62
N LEU A 23 -20.21 14.91 -24.99
CA LEU A 23 -19.36 14.22 -24.02
C LEU A 23 -18.10 15.03 -23.70
N LEU A 24 -17.85 15.24 -22.42
CA LEU A 24 -16.63 15.90 -21.98
C LEU A 24 -15.66 14.90 -21.38
N ILE A 25 -14.41 14.95 -21.86
CA ILE A 25 -13.35 14.16 -21.27
C ILE A 25 -12.41 15.08 -20.51
N VAL A 26 -12.42 14.93 -19.19
CA VAL A 26 -11.52 15.65 -18.32
C VAL A 26 -10.23 14.84 -18.15
N ASN A 27 -9.10 15.44 -18.49
CA ASN A 27 -7.82 14.75 -18.40
C ASN A 27 -6.68 15.74 -18.21
N VAL A 28 -5.47 15.25 -17.96
CA VAL A 28 -4.33 16.14 -17.80
C VAL A 28 -3.23 15.83 -18.82
N ALA A 29 -2.19 16.66 -18.82
CA ALA A 29 -1.16 16.59 -19.84
C ALA A 29 -0.14 15.48 -19.57
N SER A 30 -0.47 14.26 -19.98
CA SER A 30 0.40 13.12 -19.75
C SER A 30 0.17 12.03 -20.79
N HIS A 31 1.27 11.53 -21.38
CA HIS A 31 1.17 10.52 -22.43
C HIS A 31 0.35 9.32 -22.01
N GLY A 32 0.76 8.67 -20.92
CA GLY A 32 0.10 7.46 -20.46
C GLY A 32 -1.40 7.62 -20.25
N LEU A 33 -1.81 8.83 -19.86
CA LEU A 33 -3.20 9.09 -19.54
C LEU A 33 -4.05 9.40 -20.78
N ILE A 34 -3.42 10.00 -21.79
CA ILE A 34 -4.14 10.44 -22.98
C ILE A 34 -4.24 9.37 -24.07
N LEU A 35 -3.11 8.75 -24.41
CA LEU A 35 -3.06 7.79 -25.52
C LEU A 35 -4.18 6.73 -25.54
N PRO A 36 -4.49 6.12 -24.38
CA PRO A 36 -5.53 5.08 -24.40
C PRO A 36 -6.92 5.59 -24.77
N THR A 37 -7.16 6.89 -24.57
CA THR A 37 -8.48 7.47 -24.79
C THR A 37 -8.75 7.87 -26.24
N LEU A 38 -7.69 7.99 -27.04
CA LEU A 38 -7.83 8.53 -28.38
C LEU A 38 -8.80 7.75 -29.29
N THR A 39 -8.64 6.43 -29.33
CA THR A 39 -9.51 5.62 -30.17
C THR A 39 -10.95 5.71 -29.70
N VAL A 40 -11.13 5.80 -28.38
CA VAL A 40 -12.47 5.90 -27.80
C VAL A 40 -13.15 7.20 -28.23
N VAL A 41 -12.39 8.29 -28.25
CA VAL A 41 -12.91 9.57 -28.71
C VAL A 41 -13.42 9.44 -30.15
N THR A 42 -12.56 8.87 -30.99
CA THR A 42 -12.87 8.65 -32.40
C THR A 42 -14.12 7.80 -32.61
N GLU A 43 -14.24 6.70 -31.88
CA GLU A 43 -15.40 5.82 -32.02
C GLU A 43 -16.68 6.54 -31.65
N LEU A 44 -16.61 7.41 -30.65
CA LEU A 44 -17.76 8.18 -30.19
C LEU A 44 -18.16 9.24 -31.21
N VAL A 45 -17.18 9.96 -31.73
CA VAL A 45 -17.43 10.94 -32.78
C VAL A 45 -18.04 10.24 -34.00
N ARG A 46 -17.60 9.03 -34.26
CA ARG A 46 -18.11 8.24 -35.38
C ARG A 46 -19.58 7.91 -35.17
N ARG A 47 -19.97 7.70 -33.92
CA ARG A 47 -21.35 7.36 -33.59
C ARG A 47 -22.24 8.58 -33.55
N GLY A 48 -21.66 9.75 -33.84
CA GLY A 48 -22.42 10.98 -33.93
C GLY A 48 -22.49 11.79 -32.64
N HIS A 49 -21.66 11.42 -31.67
CA HIS A 49 -21.56 12.20 -30.45
C HIS A 49 -20.57 13.34 -30.61
N ARG A 50 -20.75 14.39 -29.82
CA ARG A 50 -19.85 15.52 -29.81
C ARG A 50 -18.96 15.40 -28.58
N VAL A 51 -17.66 15.61 -28.75
CA VAL A 51 -16.72 15.40 -27.64
C VAL A 51 -15.77 16.57 -27.38
N SER A 52 -15.88 17.15 -26.18
CA SER A 52 -14.95 18.16 -25.70
C SER A 52 -13.87 17.49 -24.86
N TYR A 53 -12.61 17.86 -25.06
CA TYR A 53 -11.50 17.18 -24.41
C TYR A 53 -10.53 18.16 -23.76
N VAL A 54 -10.35 18.02 -22.45
CA VAL A 54 -9.49 18.91 -21.68
C VAL A 54 -8.03 18.47 -21.75
N THR A 55 -7.18 19.34 -22.27
CA THR A 55 -5.77 19.03 -22.39
C THR A 55 -4.91 20.30 -22.48
N ALA A 56 -3.61 20.11 -22.65
CA ALA A 56 -2.70 21.25 -22.72
C ALA A 56 -1.55 21.01 -23.69
N GLY A 57 -0.96 22.10 -24.17
CA GLY A 57 0.22 22.04 -25.02
C GLY A 57 0.13 21.13 -26.22
N GLY A 58 1.24 20.45 -26.50
CA GLY A 58 1.37 19.63 -27.70
C GLY A 58 0.34 18.54 -27.87
N PHE A 59 -0.22 18.08 -26.76
CA PHE A 59 -1.23 17.03 -26.80
C PHE A 59 -2.51 17.50 -27.51
N ALA A 60 -2.62 18.82 -27.69
CA ALA A 60 -3.80 19.37 -28.35
C ALA A 60 -3.95 18.80 -29.75
N GLU A 61 -2.82 18.67 -30.47
CA GLU A 61 -2.85 18.24 -31.86
C GLU A 61 -3.47 16.85 -32.06
N PRO A 62 -2.89 15.82 -31.41
CA PRO A 62 -3.44 14.47 -31.57
C PRO A 62 -4.88 14.38 -31.06
N VAL A 63 -5.22 15.20 -30.08
CA VAL A 63 -6.57 15.19 -29.52
C VAL A 63 -7.60 15.70 -30.52
N ARG A 64 -7.27 16.78 -31.22
CA ARG A 64 -8.17 17.29 -32.26
C ARG A 64 -8.30 16.28 -33.39
N ALA A 65 -7.17 15.74 -33.82
CA ALA A 65 -7.13 14.76 -34.91
C ALA A 65 -7.99 13.54 -34.60
N ALA A 66 -8.25 13.31 -33.31
CA ALA A 66 -9.06 12.17 -32.89
C ALA A 66 -10.54 12.50 -32.92
N GLY A 67 -10.86 13.76 -33.21
CA GLY A 67 -12.24 14.17 -33.42
C GLY A 67 -12.79 15.13 -32.39
N ALA A 68 -11.99 15.41 -31.36
CA ALA A 68 -12.47 16.17 -30.23
C ALA A 68 -12.26 17.66 -30.39
N THR A 69 -13.06 18.44 -29.68
CA THR A 69 -12.81 19.87 -29.55
C THR A 69 -11.98 20.07 -28.31
N VAL A 70 -10.82 20.72 -28.47
CA VAL A 70 -9.87 20.90 -27.38
C VAL A 70 -10.26 22.01 -26.42
N VAL A 71 -10.23 21.70 -25.12
CA VAL A 71 -10.40 22.70 -24.08
C VAL A 71 -9.07 22.88 -23.35
N PRO A 72 -8.33 23.95 -23.70
CA PRO A 72 -6.99 24.19 -23.14
C PRO A 72 -7.02 24.63 -21.68
N TYR A 73 -6.11 24.09 -20.89
CA TYR A 73 -5.89 24.58 -19.53
C TYR A 73 -4.39 24.76 -19.34
N GLN A 74 -4.01 25.60 -18.39
CA GLN A 74 -2.60 25.82 -18.10
C GLN A 74 -2.06 24.71 -17.19
N SER A 75 -1.17 23.90 -17.73
CA SER A 75 -0.68 22.73 -17.00
C SER A 75 0.69 22.95 -16.37
N GLU A 76 0.84 22.45 -15.15
CA GLU A 76 2.10 22.52 -14.44
C GLU A 76 2.90 21.22 -14.60
N ILE A 77 2.19 20.11 -14.75
CA ILE A 77 2.87 18.82 -14.81
C ILE A 77 3.55 18.59 -16.15
N ILE A 78 2.95 19.16 -17.20
CA ILE A 78 3.45 18.99 -18.56
C ILE A 78 4.90 19.44 -18.68
N ASP A 79 5.30 20.42 -17.86
CA ASP A 79 6.65 20.95 -17.88
C ASP A 79 7.51 20.33 -16.79
N ALA A 80 6.87 19.74 -15.79
CA ALA A 80 7.60 19.28 -14.60
C ALA A 80 8.43 18.04 -14.84
N ASP A 81 9.43 17.86 -13.98
CA ASP A 81 10.25 16.67 -13.94
C ASP A 81 9.89 15.92 -12.68
N ALA A 82 9.24 14.76 -12.84
CA ALA A 82 8.65 14.04 -11.72
C ALA A 82 9.69 13.60 -10.69
N ALA A 83 10.84 13.16 -11.20
CA ALA A 83 11.94 12.75 -10.35
C ALA A 83 12.33 13.89 -9.44
N GLU A 84 12.30 15.10 -9.99
CA GLU A 84 12.68 16.30 -9.24
C GLU A 84 11.58 16.72 -8.28
N VAL A 85 10.34 16.70 -8.74
CA VAL A 85 9.21 17.06 -7.89
C VAL A 85 9.15 16.18 -6.64
N PHE A 86 9.21 14.87 -6.84
CA PHE A 86 9.16 13.92 -5.73
C PHE A 86 10.45 13.88 -4.92
N GLY A 87 11.52 14.46 -5.46
CA GLY A 87 12.78 14.56 -4.74
C GLY A 87 12.93 15.86 -3.97
N SER A 88 12.04 16.81 -4.19
CA SER A 88 12.16 18.16 -3.61
C SER A 88 12.24 18.19 -2.09
N ASP A 89 11.18 17.73 -1.43
CA ASP A 89 11.17 17.64 0.02
C ASP A 89 10.89 16.19 0.40
N ASP A 90 11.09 15.83 1.67
CA ASP A 90 11.01 14.41 2.05
C ASP A 90 9.63 13.97 2.50
N LEU A 91 8.64 14.86 2.45
CA LEU A 91 7.28 14.49 2.81
C LEU A 91 6.39 14.35 1.57
N GLY A 92 6.80 14.98 0.48
CA GLY A 92 5.99 15.03 -0.73
C GLY A 92 5.04 16.21 -0.73
N VAL A 93 5.33 17.22 0.07
CA VAL A 93 4.48 18.41 0.12
C VAL A 93 4.35 19.03 -1.26
N ARG A 94 5.46 19.12 -1.98
CA ARG A 94 5.46 19.73 -3.30
C ARG A 94 4.59 18.99 -4.32
N PRO A 95 4.77 17.67 -4.47
CA PRO A 95 3.87 16.93 -5.36
C PRO A 95 2.41 17.05 -4.94
N HIS A 96 2.12 16.82 -3.65
CA HIS A 96 0.74 16.93 -3.17
C HIS A 96 0.07 18.23 -3.59
N LEU A 97 0.76 19.35 -3.36
CA LEU A 97 0.16 20.65 -3.65
C LEU A 97 0.11 20.97 -5.14
N MSE A 98 1.07 20.42 -5.90
CA MSE A 98 1.03 20.56 -7.35
C MSE A 98 -0.18 19.79 -7.90
O MSE A 98 -0.91 20.28 -8.76
CB MSE A 98 2.32 20.07 -8.00
CG MSE A 98 2.36 20.27 -9.51
SE MSE A 98 4.02 19.69 -10.35
CE MSE A 98 5.22 21.02 -9.59
N TYR A 99 -0.37 18.58 -7.38
CA TYR A 99 -1.53 17.76 -7.73
C TYR A 99 -2.83 18.54 -7.58
N LEU A 100 -2.99 19.23 -6.45
CA LEU A 100 -4.21 20.00 -6.21
C LEU A 100 -4.33 21.14 -7.20
N ARG A 101 -3.23 21.87 -7.40
CA ARG A 101 -3.24 22.99 -8.34
C ARG A 101 -3.61 22.53 -9.75
N GLU A 102 -3.04 21.40 -10.17
CA GLU A 102 -3.34 20.88 -11.50
C GLU A 102 -4.82 20.56 -11.60
N ASN A 103 -5.37 19.96 -10.55
CA ASN A 103 -6.79 19.69 -10.48
C ASN A 103 -7.61 20.98 -10.53
N VAL A 104 -7.17 21.99 -9.79
CA VAL A 104 -7.87 23.27 -9.73
C VAL A 104 -7.79 24.02 -11.06
N SER A 105 -6.62 24.00 -11.68
CA SER A 105 -6.44 24.61 -12.98
C SER A 105 -7.39 24.01 -14.00
N VAL A 106 -7.48 22.68 -14.00
CA VAL A 106 -8.39 21.97 -14.89
C VAL A 106 -9.85 22.34 -14.63
N LEU A 107 -10.24 22.35 -13.36
CA LEU A 107 -11.59 22.68 -12.95
C LEU A 107 -12.03 24.06 -13.44
N ARG A 108 -11.19 25.07 -13.22
CA ARG A 108 -11.54 26.44 -13.58
C ARG A 108 -11.66 26.65 -15.09
N ALA A 109 -10.71 26.10 -15.83
CA ALA A 109 -10.70 26.25 -17.28
C ALA A 109 -11.94 25.64 -17.90
N THR A 110 -12.37 24.50 -17.36
CA THR A 110 -13.47 23.75 -17.94
C THR A 110 -14.81 24.41 -17.64
N ALA A 111 -14.98 24.85 -16.41
CA ALA A 111 -16.18 25.58 -16.04
C ALA A 111 -16.29 26.83 -16.91
N GLU A 112 -15.17 27.52 -17.10
CA GLU A 112 -15.14 28.72 -17.93
C GLU A 112 -15.64 28.41 -19.33
N ALA A 113 -15.04 27.39 -19.95
CA ALA A 113 -15.34 27.05 -21.32
C ALA A 113 -16.73 26.45 -21.53
N LEU A 114 -17.23 25.70 -20.55
CA LEU A 114 -18.42 24.88 -20.76
C LEU A 114 -19.65 25.24 -19.93
N ASP A 115 -19.55 26.25 -19.06
CA ASP A 115 -20.72 26.68 -18.29
C ASP A 115 -21.89 27.00 -19.21
N GLY A 116 -21.59 27.48 -20.42
CA GLY A 116 -22.61 27.80 -21.39
C GLY A 116 -22.98 26.62 -22.27
N ASP A 117 -22.07 25.65 -22.39
CA ASP A 117 -22.31 24.48 -23.22
C ASP A 117 -22.22 23.21 -22.37
N VAL A 118 -23.13 23.11 -21.40
CA VAL A 118 -23.08 22.02 -20.41
C VAL A 118 -23.22 20.64 -21.04
N PRO A 119 -22.25 19.75 -20.76
CA PRO A 119 -22.21 18.38 -21.29
C PRO A 119 -23.24 17.48 -20.63
N ASP A 120 -23.58 16.39 -21.30
CA ASP A 120 -24.52 15.41 -20.77
C ASP A 120 -23.78 14.41 -19.89
N LEU A 121 -22.49 14.23 -20.18
CA LEU A 121 -21.69 13.26 -19.45
C LEU A 121 -20.31 13.81 -19.16
N VAL A 122 -19.85 13.62 -17.92
CA VAL A 122 -18.50 14.01 -17.54
C VAL A 122 -17.63 12.78 -17.38
N LEU A 123 -16.65 12.61 -18.28
CA LEU A 123 -15.70 11.53 -18.16
C LEU A 123 -14.36 12.08 -17.69
N TYR A 124 -13.85 11.56 -16.59
CA TYR A 124 -12.61 12.05 -16.03
C TYR A 124 -11.62 10.94 -15.70
N ASP A 125 -10.35 11.19 -16.01
CA ASP A 125 -9.28 10.26 -15.69
C ASP A 125 -9.03 10.25 -14.18
N ASP A 126 -8.36 9.21 -13.67
CA ASP A 126 -8.08 9.09 -12.25
C ASP A 126 -7.44 10.35 -11.67
N PHE A 127 -6.43 10.87 -12.36
CA PHE A 127 -5.63 12.00 -11.86
C PHE A 127 -6.49 13.23 -11.51
N PRO A 128 -7.29 13.74 -12.48
CA PRO A 128 -8.18 14.86 -12.14
C PRO A 128 -9.57 14.44 -11.64
N PHE A 129 -9.65 13.43 -10.77
CA PHE A 129 -10.95 12.97 -10.28
C PHE A 129 -11.61 13.98 -9.35
N ILE A 130 -10.81 14.84 -8.73
CA ILE A 130 -11.39 15.88 -7.89
C ILE A 130 -12.12 16.90 -8.75
N ALA A 131 -11.46 17.37 -9.81
CA ALA A 131 -12.11 18.25 -10.78
C ALA A 131 -13.29 17.52 -11.44
N GLY A 132 -13.13 16.21 -11.63
CA GLY A 132 -14.16 15.39 -12.23
C GLY A 132 -15.44 15.39 -11.42
N GLN A 133 -15.35 15.05 -10.14
CA GLN A 133 -16.50 15.04 -9.24
C GLN A 133 -17.13 16.41 -9.12
N LEU A 134 -16.28 17.44 -9.05
CA LEU A 134 -16.76 18.80 -8.84
C LEU A 134 -17.58 19.32 -10.02
N LEU A 135 -17.13 19.04 -11.23
CA LEU A 135 -17.86 19.43 -12.44
C LEU A 135 -19.18 18.66 -12.56
N ALA A 136 -19.13 17.35 -12.31
CA ALA A 136 -20.33 16.54 -12.35
C ALA A 136 -21.40 17.07 -11.38
N ALA A 137 -20.96 17.52 -10.21
CA ALA A 137 -21.88 18.05 -9.19
C ALA A 137 -22.40 19.44 -9.56
N ARG A 138 -21.49 20.31 -10.00
CA ARG A 138 -21.83 21.66 -10.41
C ARG A 138 -22.89 21.68 -11.51
N TRP A 139 -22.79 20.73 -12.44
CA TRP A 139 -23.65 20.69 -13.61
C TRP A 139 -24.81 19.72 -13.43
N ARG A 140 -24.85 19.04 -12.28
CA ARG A 140 -25.83 18.00 -12.04
C ARG A 140 -25.87 16.99 -13.20
N ARG A 141 -24.71 16.42 -13.49
CA ARG A 141 -24.57 15.46 -14.60
C ARG A 141 -24.01 14.13 -14.12
N PRO A 142 -24.26 13.05 -14.88
CA PRO A 142 -23.66 11.73 -14.61
C PRO A 142 -22.19 11.78 -14.97
N ALA A 143 -21.39 10.88 -14.38
CA ALA A 143 -19.96 10.89 -14.62
C ALA A 143 -19.37 9.49 -14.81
N VAL A 144 -18.24 9.45 -15.50
CA VAL A 144 -17.54 8.20 -15.76
C VAL A 144 -16.07 8.41 -15.42
N ARG A 145 -15.48 7.46 -14.72
CA ARG A 145 -14.07 7.54 -14.40
C ARG A 145 -13.26 6.67 -15.36
N LEU A 146 -12.12 7.19 -15.81
CA LEU A 146 -11.27 6.48 -16.74
C LEU A 146 -9.95 6.12 -16.06
N SER A 147 -9.57 4.85 -16.12
CA SER A 147 -8.34 4.40 -15.47
C SER A 147 -7.36 3.79 -16.48
N ALA A 148 -6.22 4.45 -16.63
CA ALA A 148 -5.20 3.99 -17.57
C ALA A 148 -4.21 3.04 -16.91
N ALA A 149 -4.25 2.97 -15.58
CA ALA A 149 -3.47 1.99 -14.83
C ALA A 149 -4.44 1.07 -14.11
N PHE A 150 -4.11 0.66 -12.88
CA PHE A 150 -5.01 -0.20 -12.14
C PHE A 150 -6.23 0.57 -11.64
N ALA A 151 -7.40 -0.07 -11.70
CA ALA A 151 -8.60 0.51 -11.13
C ALA A 151 -8.57 0.37 -9.61
N SER A 152 -9.35 1.20 -8.92
CA SER A 152 -9.42 1.16 -7.47
C SER A 152 -10.86 0.96 -7.01
N ASN A 153 -11.05 0.19 -5.94
CA ASN A 153 -12.36 0.06 -5.32
C ASN A 153 -12.24 -0.05 -3.81
N GLU A 154 -13.27 -0.58 -3.16
CA GLU A 154 -13.27 -0.65 -1.70
C GLU A 154 -12.23 -1.64 -1.19
N HIS A 155 -11.75 -2.51 -2.06
CA HIS A 155 -10.78 -3.53 -1.65
C HIS A 155 -9.34 -3.16 -1.95
N TYR A 156 -9.08 -2.70 -3.17
CA TYR A 156 -7.73 -2.30 -3.55
C TYR A 156 -7.69 -0.86 -4.01
N SER A 157 -6.76 -0.11 -3.42
CA SER A 157 -6.55 1.29 -3.77
C SER A 157 -5.19 1.46 -4.45
N PHE A 158 -5.22 1.91 -5.70
CA PHE A 158 -3.99 2.19 -6.44
C PHE A 158 -3.31 3.44 -5.88
N SER A 159 -4.12 4.41 -5.47
CA SER A 159 -3.62 5.62 -4.84
C SER A 159 -2.79 5.32 -3.59
N GLN A 160 -3.37 4.57 -2.66
CA GLN A 160 -2.65 4.24 -1.42
C GLN A 160 -1.36 3.50 -1.77
N ASP A 161 -1.47 2.56 -2.68
CA ASP A 161 -0.33 1.77 -3.12
C ASP A 161 0.80 2.70 -3.54
N MSE A 162 0.48 3.67 -4.37
CA MSE A 162 1.47 4.63 -4.84
C MSE A 162 2.00 5.56 -3.73
O MSE A 162 3.19 5.84 -3.69
CB MSE A 162 0.91 5.44 -6.01
CG MSE A 162 0.93 4.66 -7.31
SE MSE A 162 0.84 5.81 -8.87
CE MSE A 162 -0.90 6.64 -8.57
N VAL A 163 1.12 6.01 -2.85
CA VAL A 163 1.56 6.80 -1.69
C VAL A 163 2.62 6.04 -0.91
N THR A 164 2.27 4.84 -0.44
CA THR A 164 3.17 3.98 0.34
C THR A 164 4.50 3.73 -0.37
N LEU A 165 4.42 3.38 -1.66
CA LEU A 165 5.61 3.07 -2.42
C LEU A 165 6.47 4.30 -2.67
N ALA A 166 5.82 5.46 -2.80
CA ALA A 166 6.54 6.70 -3.03
C ALA A 166 7.20 7.22 -1.74
N GLY A 167 6.66 6.81 -0.61
CA GLY A 167 7.23 7.16 0.68
C GLY A 167 6.80 8.53 1.16
N THR A 168 5.80 9.10 0.52
CA THR A 168 5.31 10.42 0.90
C THR A 168 4.31 10.31 2.05
N ILE A 169 4.06 11.45 2.68
CA ILE A 169 3.00 11.54 3.67
C ILE A 169 1.67 11.27 2.95
N ASP A 170 0.72 10.68 3.66
CA ASP A 170 -0.64 10.57 3.13
C ASP A 170 -1.17 11.99 2.93
N PRO A 171 -1.66 12.30 1.71
CA PRO A 171 -2.09 13.66 1.43
C PRO A 171 -3.10 14.18 2.45
N LEU A 172 -3.96 13.31 2.96
CA LEU A 172 -4.95 13.73 3.94
C LEU A 172 -4.35 13.92 5.34
N ASP A 173 -3.07 13.57 5.50
CA ASP A 173 -2.34 13.89 6.73
C ASP A 173 -1.61 15.22 6.59
N LEU A 174 -1.86 15.91 5.48
CA LEU A 174 -1.26 17.21 5.23
C LEU A 174 -2.32 18.29 5.38
N PRO A 175 -2.32 18.97 6.54
CA PRO A 175 -3.37 19.94 6.90
C PRO A 175 -3.66 20.93 5.78
N VAL A 176 -2.63 21.49 5.18
CA VAL A 176 -2.85 22.50 4.14
C VAL A 176 -3.52 21.91 2.90
N PHE A 177 -3.14 20.68 2.55
CA PHE A 177 -3.78 19.97 1.44
C PHE A 177 -5.24 19.68 1.78
N ARG A 178 -5.44 19.14 2.98
CA ARG A 178 -6.77 18.79 3.45
C ARG A 178 -7.67 20.03 3.51
N ASP A 179 -7.13 21.14 4.02
CA ASP A 179 -7.89 22.38 4.13
C ASP A 179 -8.25 22.95 2.76
N THR A 180 -7.30 22.93 1.84
CA THR A 180 -7.56 23.42 0.50
C THR A 180 -8.72 22.65 -0.12
N LEU A 181 -8.60 21.33 -0.12
CA LEU A 181 -9.63 20.47 -0.68
C LEU A 181 -10.98 20.73 -0.02
N ARG A 182 -10.96 20.89 1.30
CA ARG A 182 -12.17 21.13 2.07
C ARG A 182 -12.91 22.38 1.58
N ASP A 183 -12.19 23.48 1.47
CA ASP A 183 -12.79 24.74 1.04
C ASP A 183 -13.26 24.62 -0.40
N LEU A 184 -12.53 23.84 -1.19
CA LEU A 184 -12.87 23.64 -2.59
C LEU A 184 -14.24 22.97 -2.73
N LEU A 185 -14.48 21.95 -1.90
CA LEU A 185 -15.79 21.31 -1.85
C LEU A 185 -16.82 22.29 -1.30
N ALA A 186 -16.43 23.03 -0.26
CA ALA A 186 -17.33 23.97 0.39
C ALA A 186 -17.87 25.01 -0.59
N GLU A 187 -16.98 25.77 -1.21
CA GLU A 187 -17.38 26.81 -2.14
C GLU A 187 -18.21 26.25 -3.30
N HIS A 188 -18.11 24.94 -3.51
CA HIS A 188 -18.84 24.30 -4.60
C HIS A 188 -20.09 23.57 -4.12
N GLY A 189 -20.44 23.80 -2.85
CA GLY A 189 -21.66 23.27 -2.29
C GLY A 189 -21.82 21.76 -2.39
N LEU A 190 -20.73 21.07 -2.73
CA LEU A 190 -20.74 19.62 -2.79
C LEU A 190 -21.01 19.06 -1.39
N SER A 191 -22.14 18.39 -1.24
CA SER A 191 -22.50 17.80 0.04
C SER A 191 -21.75 16.49 0.22
N ARG A 192 -20.43 16.58 0.30
CA ARG A 192 -19.59 15.39 0.42
C ARG A 192 -18.36 15.72 1.25
N SER A 193 -18.06 14.87 2.22
CA SER A 193 -16.90 15.08 3.08
C SER A 193 -15.63 14.88 2.29
N VAL A 194 -14.52 15.39 2.81
CA VAL A 194 -13.24 15.27 2.14
C VAL A 194 -12.86 13.79 1.96
N VAL A 195 -12.96 13.02 3.04
CA VAL A 195 -12.61 11.60 2.96
C VAL A 195 -13.49 10.86 1.96
N ASP A 196 -14.79 11.15 1.95
CA ASP A 196 -15.72 10.49 1.03
C ASP A 196 -15.48 10.93 -0.42
N CYS A 197 -15.09 12.19 -0.58
CA CYS A 197 -14.71 12.70 -1.90
C CYS A 197 -13.46 11.99 -2.38
N TRP A 198 -12.49 11.85 -1.48
CA TRP A 198 -11.20 11.27 -1.83
C TRP A 198 -11.33 9.81 -2.21
N ASN A 199 -12.26 9.12 -1.57
CA ASN A 199 -12.42 7.69 -1.78
C ASN A 199 -13.70 7.35 -2.54
N HIS A 200 -14.19 8.33 -3.28
CA HIS A 200 -15.37 8.19 -4.10
C HIS A 200 -15.18 7.17 -5.21
N VAL A 201 -16.12 6.24 -5.32
CA VAL A 201 -16.14 5.29 -6.41
C VAL A 201 -17.27 5.67 -7.34
N GLU A 202 -16.92 6.02 -8.58
CA GLU A 202 -17.89 6.49 -9.56
C GLU A 202 -18.84 5.37 -9.98
N GLN A 203 -20.00 5.74 -10.54
CA GLN A 203 -21.01 4.75 -10.93
C GLN A 203 -20.60 3.93 -12.15
N LEU A 204 -19.75 4.50 -13.01
CA LEU A 204 -19.23 3.79 -14.17
C LEU A 204 -17.73 4.07 -14.31
N ASN A 205 -16.98 3.02 -14.59
CA ASN A 205 -15.53 3.10 -14.73
C ASN A 205 -15.06 2.37 -15.97
N LEU A 206 -14.31 3.06 -16.83
CA LEU A 206 -13.71 2.43 -18.01
C LEU A 206 -12.23 2.21 -17.76
N VAL A 207 -11.80 0.95 -17.74
CA VAL A 207 -10.42 0.64 -17.39
C VAL A 207 -9.70 0.04 -18.60
N PHE A 208 -8.54 0.60 -18.94
CA PHE A 208 -7.83 0.19 -20.15
C PHE A 208 -6.89 -0.99 -19.91
N VAL A 209 -7.42 -1.97 -19.19
CA VAL A 209 -6.69 -3.15 -18.77
C VAL A 209 -7.70 -4.31 -18.77
N PRO A 210 -7.25 -5.53 -19.11
CA PRO A 210 -8.15 -6.69 -19.01
C PRO A 210 -8.37 -7.09 -17.56
N LYS A 211 -9.57 -7.55 -17.22
CA LYS A 211 -9.85 -7.88 -15.83
C LYS A 211 -8.84 -8.88 -15.27
N ALA A 212 -8.32 -9.75 -16.14
CA ALA A 212 -7.35 -10.76 -15.70
C ALA A 212 -6.06 -10.13 -15.17
N PHE A 213 -5.67 -8.99 -15.72
CA PHE A 213 -4.45 -8.32 -15.27
C PHE A 213 -4.71 -7.50 -14.01
N GLN A 214 -5.88 -6.85 -13.94
CA GLN A 214 -6.24 -6.03 -12.79
C GLN A 214 -5.92 -6.74 -11.46
N ILE A 215 -5.27 -6.03 -10.56
CA ILE A 215 -5.05 -6.54 -9.21
C ILE A 215 -6.40 -6.69 -8.52
N ALA A 216 -6.60 -7.84 -7.87
CA ALA A 216 -7.87 -8.13 -7.21
C ALA A 216 -9.04 -7.99 -8.19
N GLY A 217 -8.78 -8.36 -9.44
CA GLY A 217 -9.77 -8.22 -10.50
C GLY A 217 -11.14 -8.77 -10.19
N ASP A 218 -11.20 -9.93 -9.55
CA ASP A 218 -12.47 -10.59 -9.27
C ASP A 218 -13.36 -9.81 -8.31
N THR A 219 -12.78 -8.84 -7.61
CA THR A 219 -13.53 -8.06 -6.64
C THR A 219 -14.29 -6.92 -7.29
N PHE A 220 -14.03 -6.69 -8.57
CA PHE A 220 -14.63 -5.54 -9.26
C PHE A 220 -15.98 -5.84 -9.89
N ASP A 221 -16.99 -5.09 -9.49
CA ASP A 221 -18.37 -5.33 -9.92
C ASP A 221 -18.72 -4.62 -11.22
N ASP A 222 -20.03 -4.46 -11.46
CA ASP A 222 -20.53 -3.94 -12.72
C ASP A 222 -20.30 -2.45 -12.92
N ARG A 223 -19.86 -1.77 -11.87
CA ARG A 223 -19.48 -0.37 -11.98
C ARG A 223 -18.21 -0.24 -12.82
N PHE A 224 -17.54 -1.36 -13.08
CA PHE A 224 -16.27 -1.35 -13.78
C PHE A 224 -16.32 -2.12 -15.09
N VAL A 225 -15.89 -1.48 -16.17
CA VAL A 225 -15.79 -2.13 -17.47
C VAL A 225 -14.32 -2.16 -17.90
N PHE A 226 -13.77 -3.37 -17.99
CA PHE A 226 -12.37 -3.56 -18.33
C PHE A 226 -12.20 -3.78 -19.83
N VAL A 227 -12.03 -2.67 -20.56
CA VAL A 227 -12.04 -2.72 -22.02
C VAL A 227 -10.65 -2.93 -22.61
N GLY A 228 -9.64 -2.95 -21.75
CA GLY A 228 -8.28 -3.18 -22.21
C GLY A 228 -7.80 -2.08 -23.13
N PRO A 229 -6.61 -2.26 -23.72
CA PRO A 229 -6.00 -1.20 -24.54
C PRO A 229 -6.66 -1.09 -25.92
N CYS A 230 -6.65 0.13 -26.46
CA CYS A 230 -7.23 0.41 -27.76
C CYS A 230 -6.35 1.47 -28.43
N PHE A 231 -5.80 1.17 -29.62
CA PHE A 231 -4.83 2.09 -30.23
C PHE A 231 -4.83 2.14 -31.76
N ASP A 232 -4.36 3.27 -32.27
CA ASP A 232 -4.20 3.55 -33.69
C ASP A 232 -2.76 3.22 -34.09
N ASP A 233 -2.34 3.72 -35.25
CA ASP A 233 -0.94 3.60 -35.67
C ASP A 233 -0.10 4.67 -34.98
N ARG A 234 -0.77 5.71 -34.50
CA ARG A 234 -0.10 6.77 -33.76
C ARG A 234 1.07 7.35 -34.55
N ARG A 235 0.78 7.92 -35.71
CA ARG A 235 1.81 8.47 -36.57
C ARG A 235 2.47 9.67 -35.91
N PHE A 236 1.72 10.37 -35.06
CA PHE A 236 2.24 11.56 -34.40
C PHE A 236 3.45 11.27 -33.50
N LEU A 237 3.72 10.00 -33.25
CA LEU A 237 4.90 9.60 -32.49
C LEU A 237 6.03 9.20 -33.42
N GLY A 238 5.94 9.60 -34.68
CA GLY A 238 6.91 9.21 -35.68
C GLY A 238 6.52 7.89 -36.31
N GLU A 239 7.47 7.27 -37.01
CA GLU A 239 7.21 5.99 -37.65
C GLU A 239 8.43 5.10 -37.54
N TRP A 240 8.26 3.82 -37.88
CA TRP A 240 9.33 2.85 -37.71
C TRP A 240 9.15 1.59 -38.55
N THR A 241 10.25 1.11 -39.12
CA THR A 241 10.24 -0.14 -39.86
C THR A 241 11.41 -1.01 -39.42
N ARG A 242 11.16 -2.30 -39.25
CA ARG A 242 12.21 -3.21 -38.80
C ARG A 242 13.32 -3.26 -39.85
N PRO A 243 14.51 -3.74 -39.44
CA PRO A 243 15.64 -3.91 -40.35
C PRO A 243 15.35 -4.98 -41.39
N ALA A 244 16.18 -5.06 -42.43
CA ALA A 244 16.00 -6.06 -43.46
C ALA A 244 16.78 -7.34 -43.14
N ASP A 245 17.22 -7.47 -41.90
CA ASP A 245 17.90 -8.68 -41.46
C ASP A 245 16.98 -9.59 -40.65
N ASP A 246 17.54 -10.68 -40.13
CA ASP A 246 16.74 -11.71 -39.48
C ASP A 246 16.92 -11.76 -37.96
N LEU A 247 17.41 -10.66 -37.38
CA LEU A 247 17.57 -10.59 -35.93
C LEU A 247 16.24 -10.29 -35.23
N PRO A 248 15.96 -11.01 -34.13
CA PRO A 248 14.75 -10.74 -33.36
C PRO A 248 14.82 -9.34 -32.74
N VAL A 249 13.73 -8.61 -32.86
CA VAL A 249 13.68 -7.22 -32.39
C VAL A 249 13.33 -7.17 -30.91
N VAL A 250 14.01 -6.29 -30.17
CA VAL A 250 13.73 -6.08 -28.76
C VAL A 250 13.49 -4.60 -28.47
N LEU A 251 12.28 -4.29 -28.00
CA LEU A 251 11.97 -2.94 -27.54
C LEU A 251 12.58 -2.71 -26.17
N VAL A 252 13.23 -1.57 -25.99
CA VAL A 252 13.78 -1.19 -24.69
C VAL A 252 13.40 0.26 -24.39
N SER A 253 12.69 0.48 -23.29
CA SER A 253 12.21 1.81 -22.96
C SER A 253 12.05 2.00 -21.45
N LEU A 254 12.35 3.20 -20.98
CA LEU A 254 12.08 3.56 -19.58
C LEU A 254 10.85 4.45 -19.49
N GLY A 255 10.12 4.54 -20.60
CA GLY A 255 8.91 5.34 -20.63
C GLY A 255 9.16 6.83 -20.82
N THR A 256 8.27 7.64 -20.26
CA THR A 256 8.28 9.08 -20.50
C THR A 256 8.40 9.89 -19.22
N THR A 257 8.52 9.21 -18.09
CA THR A 257 8.40 9.87 -16.79
C THR A 257 9.69 9.88 -15.96
N PHE A 258 10.23 8.70 -15.65
CA PHE A 258 11.49 8.60 -14.91
C PHE A 258 12.61 8.10 -15.81
N ASN A 259 12.86 8.83 -16.88
CA ASN A 259 13.70 8.33 -17.96
C ASN A 259 15.02 9.06 -18.19
N ASP A 260 15.42 9.90 -17.25
CA ASP A 260 16.69 10.60 -17.35
C ASP A 260 17.82 9.66 -16.92
N ARG A 261 18.07 8.63 -17.73
CA ARG A 261 18.98 7.57 -17.34
C ARG A 261 19.95 7.21 -18.47
N PRO A 262 20.88 8.12 -18.79
CA PRO A 262 21.83 7.91 -19.88
C PRO A 262 22.64 6.63 -19.65
N GLY A 263 23.11 6.44 -18.42
CA GLY A 263 23.88 5.26 -18.07
C GLY A 263 23.17 3.98 -18.45
N PHE A 264 21.88 3.92 -18.16
CA PHE A 264 21.11 2.72 -18.43
C PHE A 264 21.08 2.36 -19.92
N PHE A 265 20.79 3.34 -20.75
CA PHE A 265 20.70 3.10 -22.20
C PHE A 265 22.05 2.78 -22.81
N ARG A 266 23.09 3.43 -22.30
CA ARG A 266 24.46 3.19 -22.76
C ARG A 266 24.93 1.77 -22.42
N ASP A 267 24.67 1.34 -21.19
CA ASP A 267 25.04 -0.01 -20.78
C ASP A 267 24.25 -1.04 -21.58
N CYS A 268 23.00 -0.71 -21.90
CA CYS A 268 22.18 -1.60 -22.71
C CYS A 268 22.80 -1.82 -24.09
N ALA A 269 23.11 -0.72 -24.78
CA ALA A 269 23.73 -0.78 -26.11
C ALA A 269 25.03 -1.56 -26.09
N ARG A 270 25.82 -1.34 -25.04
CA ARG A 270 27.11 -2.00 -24.88
C ARG A 270 26.95 -3.51 -24.75
N ALA A 271 26.00 -3.94 -23.92
CA ALA A 271 25.83 -5.36 -23.66
C ALA A 271 25.30 -6.09 -24.88
N PHE A 272 24.43 -5.42 -25.64
CA PHE A 272 23.82 -6.00 -26.83
C PHE A 272 24.68 -5.86 -28.08
N ASP A 273 25.81 -5.18 -27.93
CA ASP A 273 26.78 -5.08 -29.02
C ASP A 273 27.26 -6.46 -29.45
N GLY A 274 27.10 -6.77 -30.74
CA GLY A 274 27.58 -8.03 -31.28
C GLY A 274 26.72 -9.22 -30.90
N GLN A 275 25.65 -8.97 -30.15
CA GLN A 275 24.73 -10.02 -29.75
C GLN A 275 23.62 -10.22 -30.78
N PRO A 276 23.00 -11.42 -30.78
CA PRO A 276 21.99 -11.77 -31.79
C PRO A 276 20.60 -11.16 -31.55
N TRP A 277 20.55 -9.86 -31.26
CA TRP A 277 19.27 -9.16 -31.13
C TRP A 277 19.35 -7.81 -31.82
N HIS A 278 18.21 -7.33 -32.32
CA HIS A 278 18.14 -5.96 -32.78
C HIS A 278 17.39 -5.12 -31.75
N VAL A 279 18.10 -4.18 -31.12
CA VAL A 279 17.54 -3.41 -30.03
C VAL A 279 17.05 -2.04 -30.46
N VAL A 280 15.80 -1.74 -30.14
CA VAL A 280 15.23 -0.43 -30.40
C VAL A 280 14.96 0.30 -29.08
N MSE A 281 15.73 1.34 -28.81
CA MSE A 281 15.61 2.07 -27.54
C MSE A 281 14.87 3.38 -27.72
O MSE A 281 15.20 4.18 -28.61
CB MSE A 281 16.98 2.31 -26.92
CG MSE A 281 17.80 1.05 -26.72
SE MSE A 281 19.42 1.32 -25.69
CE MSE A 281 20.12 2.86 -26.66
N THR A 282 13.85 3.62 -26.90
CA THR A 282 13.15 4.89 -26.92
C THR A 282 13.40 5.68 -25.63
N LEU A 283 13.65 6.97 -25.79
CA LEU A 283 14.14 7.82 -24.70
C LEU A 283 13.05 8.70 -24.08
N GLY A 284 11.97 8.93 -24.80
CA GLY A 284 10.83 9.65 -24.25
C GLY A 284 11.06 11.11 -23.96
N GLY A 285 11.69 11.82 -24.91
CA GLY A 285 11.83 13.26 -24.83
C GLY A 285 12.83 13.79 -23.81
N GLN A 286 13.49 12.90 -23.07
CA GLN A 286 14.40 13.35 -22.03
C GLN A 286 15.86 13.33 -22.48
N VAL A 287 16.45 12.13 -22.53
CA VAL A 287 17.85 12.00 -22.93
C VAL A 287 18.03 12.24 -24.43
N ASP A 288 19.09 12.96 -24.79
CA ASP A 288 19.43 13.18 -26.19
C ASP A 288 20.15 11.96 -26.75
N PRO A 289 19.70 11.45 -27.89
CA PRO A 289 20.33 10.29 -28.53
C PRO A 289 21.85 10.47 -28.64
N ALA A 290 22.29 11.66 -28.98
CA ALA A 290 23.72 11.96 -29.13
C ALA A 290 24.48 11.71 -27.83
N ALA A 291 23.85 12.00 -26.70
CA ALA A 291 24.50 11.84 -25.40
C ALA A 291 24.84 10.39 -25.11
N LEU A 292 24.34 9.47 -25.94
CA LEU A 292 24.62 8.05 -25.77
C LEU A 292 25.99 7.66 -26.35
N GLY A 293 26.49 8.45 -27.28
CA GLY A 293 27.73 8.11 -27.97
C GLY A 293 27.46 7.14 -29.12
N ASP A 294 28.51 6.50 -29.62
CA ASP A 294 28.36 5.58 -30.74
C ASP A 294 27.62 4.30 -30.35
N LEU A 295 26.64 3.93 -31.16
CA LEU A 295 25.84 2.74 -30.94
C LEU A 295 26.28 1.62 -31.87
N PRO A 296 26.28 0.38 -31.36
CA PRO A 296 26.46 -0.79 -32.22
C PRO A 296 25.50 -0.73 -33.40
N PRO A 297 25.79 -1.44 -34.49
CA PRO A 297 24.92 -1.39 -35.67
C PRO A 297 23.56 -2.02 -35.38
N ASN A 298 23.50 -2.93 -34.43
CA ASN A 298 22.25 -3.62 -34.08
C ASN A 298 21.45 -2.90 -33.00
N VAL A 299 21.77 -1.64 -32.75
CA VAL A 299 21.10 -0.88 -31.69
C VAL A 299 20.65 0.50 -32.19
N GLU A 300 19.33 0.75 -32.14
CA GLU A 300 18.79 2.04 -32.52
C GLU A 300 18.45 2.85 -31.28
N ALA A 301 18.41 4.17 -31.41
CA ALA A 301 17.97 5.05 -30.33
C ALA A 301 17.11 6.19 -30.87
N HIS A 302 15.93 6.37 -30.27
CA HIS A 302 15.02 7.42 -30.68
C HIS A 302 14.49 8.21 -29.49
N ARG A 303 14.13 9.47 -29.72
CA ARG A 303 13.40 10.23 -28.75
C ARG A 303 12.00 9.65 -28.65
N TRP A 304 11.39 9.38 -29.81
CA TRP A 304 10.07 8.79 -29.86
C TRP A 304 9.90 7.91 -31.11
N VAL A 305 9.37 6.71 -30.90
CA VAL A 305 8.78 5.91 -31.97
C VAL A 305 7.57 5.18 -31.41
N PRO A 306 6.53 4.97 -32.23
CA PRO A 306 5.34 4.25 -31.75
C PRO A 306 5.71 2.87 -31.22
N HIS A 307 5.50 2.64 -29.93
CA HIS A 307 5.77 1.33 -29.34
C HIS A 307 4.94 0.23 -29.98
N VAL A 308 3.72 0.58 -30.41
CA VAL A 308 2.83 -0.41 -31.00
C VAL A 308 3.43 -0.97 -32.29
N LYS A 309 4.09 -0.11 -33.06
CA LYS A 309 4.69 -0.53 -34.32
C LYS A 309 5.92 -1.41 -34.09
N VAL A 310 6.72 -1.08 -33.08
CA VAL A 310 7.85 -1.92 -32.73
C VAL A 310 7.37 -3.27 -32.21
N LEU A 311 6.41 -3.22 -31.29
CA LEU A 311 5.94 -4.43 -30.62
C LEU A 311 5.29 -5.43 -31.58
N GLU A 312 4.75 -4.92 -32.68
CA GLU A 312 4.15 -5.79 -33.69
C GLU A 312 5.21 -6.69 -34.32
N GLN A 313 6.45 -6.20 -34.35
CA GLN A 313 7.56 -6.92 -34.99
C GLN A 313 8.50 -7.55 -33.96
N ALA A 314 8.20 -7.38 -32.67
CA ALA A 314 9.15 -7.68 -31.61
C ALA A 314 9.12 -9.11 -31.11
N THR A 315 10.22 -9.52 -30.47
CA THR A 315 10.30 -10.83 -29.84
C THR A 315 10.20 -10.67 -28.33
N VAL A 316 10.79 -9.60 -27.80
CA VAL A 316 10.78 -9.33 -26.38
C VAL A 316 10.55 -7.86 -26.11
N CYS A 317 9.85 -7.55 -25.02
CA CYS A 317 9.65 -6.16 -24.62
C CYS A 317 10.34 -5.89 -23.29
N VAL A 318 11.30 -4.98 -23.30
CA VAL A 318 11.93 -4.50 -22.08
C VAL A 318 11.36 -3.14 -21.73
N THR A 319 10.67 -3.06 -20.60
CA THR A 319 9.98 -1.84 -20.20
C THR A 319 10.13 -1.62 -18.70
N HIS A 320 10.06 -0.36 -18.27
CA HIS A 320 10.11 -0.05 -16.85
C HIS A 320 8.83 -0.53 -16.15
N GLY A 321 7.75 -0.64 -16.92
CA GLY A 321 6.49 -1.13 -16.37
C GLY A 321 5.30 -0.19 -16.55
N GLY A 322 5.46 0.86 -17.35
CA GLY A 322 4.36 1.74 -17.69
C GLY A 322 3.20 0.94 -18.24
N MSE A 323 1.98 1.20 -17.77
CA MSE A 323 0.85 0.34 -18.13
C MSE A 323 0.60 0.30 -19.63
O MSE A 323 0.29 -0.75 -20.19
CB MSE A 323 -0.42 0.74 -17.39
CG MSE A 323 -1.57 -0.23 -17.67
SE MSE A 323 -1.26 -1.94 -16.76
CE MSE A 323 -2.02 -1.45 -15.02
N GLY A 324 0.73 1.45 -20.28
CA GLY A 324 0.52 1.53 -21.70
C GLY A 324 1.43 0.55 -22.44
N THR A 325 2.72 0.66 -22.20
CA THR A 325 3.68 -0.21 -22.85
C THR A 325 3.46 -1.69 -22.53
N LEU A 326 3.22 -1.99 -21.26
CA LEU A 326 2.91 -3.37 -20.87
C LEU A 326 1.73 -3.91 -21.67
N MSE A 327 0.67 -3.12 -21.77
CA MSE A 327 -0.54 -3.56 -22.45
C MSE A 327 -0.37 -3.69 -23.96
O MSE A 327 -0.92 -4.59 -24.57
CB MSE A 327 -1.71 -2.64 -22.12
CG MSE A 327 -2.19 -2.71 -20.68
SE MSE A 327 -2.87 -4.47 -20.17
CE MSE A 327 -1.53 -4.99 -18.87
N GLU A 328 0.41 -2.79 -24.54
CA GLU A 328 0.69 -2.83 -25.97
C GLU A 328 1.54 -4.06 -26.28
N ALA A 329 2.40 -4.41 -25.34
CA ALA A 329 3.26 -5.57 -25.45
C ALA A 329 2.46 -6.86 -25.33
N LEU A 330 1.55 -6.91 -24.36
CA LEU A 330 0.77 -8.11 -24.13
C LEU A 330 -0.30 -8.28 -25.20
N TYR A 331 -0.65 -7.18 -25.85
CA TYR A 331 -1.58 -7.23 -26.97
C TYR A 331 -0.98 -8.05 -28.11
N TRP A 332 0.35 -8.06 -28.18
CA TRP A 332 1.06 -8.82 -29.22
C TRP A 332 1.69 -10.10 -28.66
N GLY A 333 1.36 -10.41 -27.40
CA GLY A 333 1.85 -11.61 -26.77
C GLY A 333 3.38 -11.67 -26.69
N ARG A 334 4.01 -10.55 -26.36
CA ARG A 334 5.46 -10.51 -26.22
C ARG A 334 5.88 -10.74 -24.77
N PRO A 335 6.82 -11.66 -24.55
CA PRO A 335 7.35 -11.88 -23.19
C PRO A 335 8.04 -10.62 -22.69
N LEU A 336 8.12 -10.45 -21.37
CA LEU A 336 8.51 -9.17 -20.80
C LEU A 336 9.77 -9.24 -19.96
N VAL A 337 10.52 -8.16 -19.97
CA VAL A 337 11.53 -7.91 -18.95
C VAL A 337 11.19 -6.55 -18.36
N VAL A 338 10.73 -6.54 -17.12
CA VAL A 338 10.28 -5.32 -16.49
C VAL A 338 11.38 -4.77 -15.59
N VAL A 339 11.75 -3.51 -15.81
CA VAL A 339 12.87 -2.91 -15.09
C VAL A 339 12.44 -1.65 -14.34
N PRO A 340 11.52 -1.80 -13.38
CA PRO A 340 10.94 -0.64 -12.69
C PRO A 340 12.01 0.19 -11.99
N GLN A 341 12.02 1.49 -12.25
CA GLN A 341 12.99 2.39 -11.66
C GLN A 341 12.30 3.43 -10.77
N SER A 342 11.03 3.21 -10.45
CA SER A 342 10.26 4.21 -9.72
C SER A 342 8.97 3.63 -9.13
N PHE A 343 8.39 4.36 -8.18
CA PHE A 343 7.25 3.87 -7.41
C PHE A 343 5.98 3.65 -8.24
N ASP A 344 5.78 4.48 -9.26
CA ASP A 344 4.53 4.51 -10.01
C ASP A 344 4.26 3.23 -10.81
N VAL A 345 5.31 2.47 -11.09
CA VAL A 345 5.17 1.22 -11.84
C VAL A 345 5.49 -0.02 -11.03
N GLN A 346 5.80 0.14 -9.74
CA GLN A 346 6.05 -1.03 -8.90
C GLN A 346 4.88 -2.01 -8.86
N PRO A 347 3.63 -1.49 -8.80
CA PRO A 347 2.48 -2.40 -8.79
C PRO A 347 2.33 -3.18 -10.11
N MSE A 348 2.54 -2.52 -11.25
CA MSE A 348 2.48 -3.22 -12.54
C MSE A 348 3.55 -4.31 -12.63
O MSE A 348 3.27 -5.44 -13.06
CB MSE A 348 2.63 -2.24 -13.72
CG MSE A 348 1.41 -1.37 -13.97
SE MSE A 348 1.22 0.07 -12.66
CE MSE A 348 1.84 1.57 -13.74
N ALA A 349 4.77 -4.00 -12.22
CA ALA A 349 5.87 -4.96 -12.28
C ALA A 349 5.63 -6.12 -11.33
N ARG A 350 5.12 -5.82 -10.14
CA ARG A 350 4.80 -6.86 -9.16
C ARG A 350 3.75 -7.81 -9.72
N ARG A 351 2.79 -7.28 -10.46
CA ARG A 351 1.71 -8.08 -11.02
C ARG A 351 2.19 -8.97 -12.16
N VAL A 352 2.98 -8.42 -13.07
CA VAL A 352 3.61 -9.21 -14.12
C VAL A 352 4.38 -10.38 -13.52
N ASP A 353 5.09 -10.11 -12.44
CA ASP A 353 5.85 -11.14 -11.75
C ASP A 353 4.90 -12.20 -11.21
N GLN A 354 3.82 -11.75 -10.57
CA GLN A 354 2.84 -12.66 -10.00
C GLN A 354 2.23 -13.58 -11.05
N LEU A 355 1.92 -13.02 -12.22
CA LEU A 355 1.27 -13.80 -13.26
C LEU A 355 2.30 -14.57 -14.10
N GLY A 356 3.57 -14.39 -13.76
CA GLY A 356 4.65 -15.08 -14.43
C GLY A 356 4.70 -14.73 -15.90
N LEU A 357 4.47 -13.45 -16.21
CA LEU A 357 4.45 -12.98 -17.60
C LEU A 357 5.80 -12.43 -18.06
N GLY A 358 6.79 -12.47 -17.18
CA GLY A 358 8.10 -11.97 -17.54
C GLY A 358 9.08 -11.98 -16.39
N ALA A 359 10.30 -11.54 -16.66
CA ALA A 359 11.31 -11.38 -15.61
C ALA A 359 11.32 -9.94 -15.14
N VAL A 360 11.44 -9.75 -13.83
CA VAL A 360 11.47 -8.39 -13.28
C VAL A 360 12.84 -8.07 -12.69
N LEU A 361 13.42 -6.98 -13.17
CA LEU A 361 14.73 -6.54 -12.71
C LEU A 361 14.62 -5.15 -12.11
N PRO A 362 14.41 -5.08 -10.79
CA PRO A 362 14.11 -3.82 -10.09
C PRO A 362 15.34 -2.95 -9.85
N GLY A 363 15.24 -1.68 -10.20
CA GLY A 363 16.26 -0.70 -9.92
C GLY A 363 17.65 -1.09 -10.39
N GLU A 364 18.59 -1.15 -9.45
CA GLU A 364 20.00 -1.36 -9.75
C GLU A 364 20.26 -2.66 -10.49
N LYS A 365 19.33 -3.61 -10.35
CA LYS A 365 19.48 -4.94 -10.95
C LYS A 365 19.49 -4.91 -12.47
N ALA A 366 18.98 -3.84 -13.07
CA ALA A 366 18.76 -3.83 -14.52
C ALA A 366 19.94 -3.36 -15.36
N ASP A 367 21.15 -3.73 -14.96
CA ASP A 367 22.33 -3.39 -15.75
C ASP A 367 22.29 -4.17 -17.07
N GLY A 368 23.15 -3.77 -18.00
CA GLY A 368 23.18 -4.35 -19.34
C GLY A 368 23.30 -5.87 -19.42
N ASP A 369 24.26 -6.43 -18.69
CA ASP A 369 24.51 -7.87 -18.72
C ASP A 369 23.31 -8.67 -18.22
N THR A 370 22.72 -8.20 -17.13
CA THR A 370 21.56 -8.88 -16.55
C THR A 370 20.37 -8.80 -17.50
N LEU A 371 20.26 -7.68 -18.18
CA LEU A 371 19.21 -7.48 -19.17
C LEU A 371 19.42 -8.42 -20.36
N LEU A 372 20.66 -8.58 -20.77
CA LEU A 372 20.98 -9.45 -21.90
C LEU A 372 20.53 -10.88 -21.62
N ALA A 373 20.86 -11.37 -20.44
CA ALA A 373 20.47 -12.71 -20.03
C ALA A 373 18.95 -12.87 -19.90
N ALA A 374 18.29 -11.86 -19.36
CA ALA A 374 16.85 -11.93 -19.12
C ALA A 374 16.09 -11.93 -20.45
N VAL A 375 16.50 -11.06 -21.36
CA VAL A 375 15.89 -11.03 -22.68
C VAL A 375 15.98 -12.40 -23.35
N GLY A 376 17.12 -13.05 -23.22
CA GLY A 376 17.31 -14.38 -23.79
C GLY A 376 16.46 -15.42 -23.08
N ALA A 377 16.43 -15.35 -21.76
CA ALA A 377 15.67 -16.32 -20.97
C ALA A 377 14.18 -16.30 -21.31
N VAL A 378 13.56 -15.13 -21.25
CA VAL A 378 12.12 -15.02 -21.47
C VAL A 378 11.73 -15.36 -22.91
N ALA A 379 12.64 -15.12 -23.86
CA ALA A 379 12.38 -15.44 -25.25
C ALA A 379 12.27 -16.95 -25.47
N ALA A 380 12.89 -17.72 -24.59
CA ALA A 380 12.96 -19.18 -24.75
C ALA A 380 12.36 -19.96 -23.57
N ASP A 381 11.51 -19.32 -22.79
CA ASP A 381 10.84 -20.00 -21.69
C ASP A 381 9.43 -20.41 -22.14
N PRO A 382 9.24 -21.71 -22.39
CA PRO A 382 7.97 -22.23 -22.94
C PRO A 382 6.80 -22.08 -21.98
N ALA A 383 7.04 -22.29 -20.68
CA ALA A 383 5.99 -22.07 -19.69
C ALA A 383 5.58 -20.60 -19.66
N LEU A 384 6.57 -19.71 -19.59
CA LEU A 384 6.31 -18.28 -19.55
C LEU A 384 5.57 -17.85 -20.81
N LEU A 385 6.04 -18.34 -21.96
CA LEU A 385 5.43 -18.04 -23.25
C LEU A 385 3.95 -18.47 -23.30
N ALA A 386 3.64 -19.59 -22.66
CA ALA A 386 2.25 -20.04 -22.59
C ALA A 386 1.39 -18.99 -21.85
N ARG A 387 1.88 -18.54 -20.70
CA ARG A 387 1.13 -17.60 -19.89
C ARG A 387 0.97 -16.26 -20.60
N VAL A 388 2.00 -15.85 -21.33
CA VAL A 388 1.92 -14.62 -22.12
C VAL A 388 0.90 -14.74 -23.26
N GLU A 389 0.85 -15.91 -23.89
CA GLU A 389 -0.08 -16.10 -24.99
C GLU A 389 -1.52 -16.13 -24.47
N ALA A 390 -1.70 -16.70 -23.29
CA ALA A 390 -3.01 -16.73 -22.65
C ALA A 390 -3.50 -15.33 -22.28
N MSE A 391 -2.60 -14.53 -21.71
CA MSE A 391 -2.94 -13.15 -21.33
C MSE A 391 -3.27 -12.34 -22.58
O MSE A 391 -4.19 -11.53 -22.59
CB MSE A 391 -1.80 -12.50 -20.56
CG MSE A 391 -2.05 -11.04 -20.18
SE MSE A 391 -3.67 -10.77 -19.09
CE MSE A 391 -3.21 -11.89 -17.56
N ARG A 392 -2.49 -12.55 -23.64
CA ARG A 392 -2.80 -11.93 -24.92
C ARG A 392 -4.26 -12.18 -25.28
N GLY A 393 -4.71 -13.41 -25.07
CA GLY A 393 -6.11 -13.76 -25.30
C GLY A 393 -7.05 -12.86 -24.53
N HIS A 394 -6.82 -12.72 -23.23
CA HIS A 394 -7.67 -11.88 -22.39
C HIS A 394 -7.69 -10.43 -22.88
N VAL A 395 -6.52 -9.95 -23.30
CA VAL A 395 -6.37 -8.59 -23.81
C VAL A 395 -7.22 -8.40 -25.07
N ARG A 396 -7.21 -9.40 -25.95
CA ARG A 396 -7.99 -9.36 -27.18
C ARG A 396 -9.51 -9.40 -26.94
N ARG A 397 -9.94 -10.14 -25.92
CA ARG A 397 -11.36 -10.25 -25.60
C ARG A 397 -11.90 -8.98 -24.97
N ALA A 398 -11.01 -8.17 -24.40
CA ALA A 398 -11.43 -7.03 -23.57
C ALA A 398 -12.51 -6.17 -24.22
N GLY A 399 -12.36 -5.89 -25.51
CA GLY A 399 -13.41 -5.19 -26.24
C GLY A 399 -13.02 -3.79 -26.72
N GLY A 400 -11.96 -3.24 -26.14
CA GLY A 400 -11.43 -1.96 -26.57
C GLY A 400 -12.44 -0.84 -26.75
N ALA A 401 -12.16 0.03 -27.71
CA ALA A 401 -12.97 1.23 -27.95
C ALA A 401 -14.46 0.97 -28.17
N ALA A 402 -14.78 -0.02 -29.00
CA ALA A 402 -16.18 -0.32 -29.33
C ALA A 402 -16.99 -0.65 -28.07
N ARG A 403 -16.39 -1.41 -27.16
CA ARG A 403 -17.10 -1.80 -25.94
C ARG A 403 -17.19 -0.61 -24.98
N ALA A 404 -16.15 0.21 -24.95
CA ALA A 404 -16.19 1.42 -24.15
C ALA A 404 -17.39 2.28 -24.55
N ALA A 405 -17.47 2.58 -25.85
CA ALA A 405 -18.56 3.40 -26.37
C ALA A 405 -19.93 2.78 -26.09
N ASP A 406 -20.03 1.45 -26.25
CA ASP A 406 -21.27 0.75 -25.94
C ASP A 406 -21.67 1.01 -24.49
N ALA A 407 -20.71 0.86 -23.58
CA ALA A 407 -20.96 1.09 -22.16
C ALA A 407 -21.38 2.54 -21.92
N VAL A 408 -20.68 3.48 -22.55
CA VAL A 408 -21.01 4.89 -22.40
C VAL A 408 -22.45 5.18 -22.83
N GLU A 409 -22.81 4.70 -24.01
CA GLU A 409 -24.16 4.92 -24.54
C GLU A 409 -25.24 4.28 -23.68
N ALA A 410 -24.95 3.10 -23.14
CA ALA A 410 -25.88 2.43 -22.22
C ALA A 410 -26.03 3.24 -20.94
N TYR A 411 -24.93 3.78 -20.45
CA TYR A 411 -24.95 4.64 -19.27
C TYR A 411 -25.82 5.86 -19.54
N LEU A 412 -25.62 6.48 -20.70
CA LEU A 412 -26.43 7.60 -21.12
C LEU A 412 -27.92 7.28 -21.14
N ALA A 413 -28.25 6.07 -21.61
CA ALA A 413 -29.65 5.64 -21.66
C ALA A 413 -30.26 5.57 -20.26
N ARG A 414 -29.52 5.02 -19.31
CA ARG A 414 -29.98 4.96 -17.93
C ARG A 414 -30.08 6.36 -17.34
N ALA A 415 -29.12 7.20 -17.70
CA ALA A 415 -29.03 8.57 -17.19
C ALA A 415 -29.38 9.59 -18.28
N HIS B 19 -25.71 -3.01 30.46
CA HIS B 19 -24.84 -3.07 31.64
C HIS B 19 -24.07 -4.39 31.74
N MSE B 20 -24.06 -4.98 32.93
CA MSE B 20 -23.30 -6.20 33.22
C MSE B 20 -23.37 -7.21 32.08
O MSE B 20 -24.45 -7.53 31.59
CB MSE B 20 -23.81 -6.84 34.52
CG MSE B 20 -23.89 -5.87 35.69
SE MSE B 20 -22.16 -5.14 36.20
CE MSE B 20 -22.76 -3.79 37.45
N ALA B 21 -22.21 -7.72 31.65
CA ALA B 21 -22.18 -8.59 30.49
C ALA B 21 -21.09 -9.67 30.51
N HIS B 22 -21.38 -10.77 29.83
CA HIS B 22 -20.36 -11.75 29.48
C HIS B 22 -19.67 -11.26 28.22
N LEU B 23 -18.39 -10.90 28.34
CA LEU B 23 -17.62 -10.35 27.23
C LEU B 23 -16.60 -11.35 26.71
N LEU B 24 -16.58 -11.55 25.40
CA LEU B 24 -15.64 -12.48 24.78
C LEU B 24 -14.60 -11.71 23.97
N ILE B 25 -13.33 -11.98 24.24
CA ILE B 25 -12.25 -11.43 23.44
C ILE B 25 -11.63 -12.51 22.55
N VAL B 26 -11.81 -12.35 21.24
CA VAL B 26 -11.25 -13.27 20.25
C VAL B 26 -9.88 -12.74 19.81
N ASN B 27 -8.85 -13.56 20.00
CA ASN B 27 -7.49 -13.13 19.69
C ASN B 27 -6.64 -14.34 19.35
N VAL B 28 -5.39 -14.10 18.94
CA VAL B 28 -4.48 -15.20 18.62
C VAL B 28 -3.18 -15.14 19.43
N ALA B 29 -2.38 -16.20 19.33
CA ALA B 29 -1.18 -16.32 20.15
C ALA B 29 -0.04 -15.47 19.61
N SER B 30 0.04 -14.23 20.08
CA SER B 30 1.09 -13.29 19.67
C SER B 30 1.24 -12.19 20.73
N HIS B 31 2.47 -11.92 21.14
CA HIS B 31 2.73 -10.93 22.18
C HIS B 31 2.13 -9.56 21.86
N GLY B 32 2.43 -9.05 20.68
CA GLY B 32 1.98 -7.72 20.29
C GLY B 32 0.48 -7.55 20.30
N LEU B 33 -0.24 -8.62 19.99
CA LEU B 33 -1.70 -8.58 19.91
C LEU B 33 -2.34 -8.70 21.31
N ILE B 34 -1.66 -9.40 22.20
CA ILE B 34 -2.21 -9.73 23.51
C ILE B 34 -1.90 -8.71 24.61
N LEU B 35 -0.65 -8.27 24.69
CA LEU B 35 -0.22 -7.37 25.76
C LEU B 35 -1.09 -6.11 25.95
N PRO B 36 -1.40 -5.41 24.85
CA PRO B 36 -2.21 -4.19 25.02
C PRO B 36 -3.58 -4.43 25.67
N THR B 37 -4.09 -5.66 25.57
CA THR B 37 -5.44 -5.96 26.04
C THR B 37 -5.52 -6.30 27.53
N LEU B 38 -4.39 -6.69 28.12
CA LEU B 38 -4.41 -7.23 29.47
C LEU B 38 -5.06 -6.29 30.49
N THR B 39 -4.62 -5.03 30.52
CA THR B 39 -5.17 -4.07 31.47
C THR B 39 -6.65 -3.79 31.20
N VAL B 40 -7.05 -3.95 29.95
CA VAL B 40 -8.45 -3.73 29.56
C VAL B 40 -9.34 -4.84 30.13
N VAL B 41 -8.85 -6.08 30.06
CA VAL B 41 -9.53 -7.21 30.67
C VAL B 41 -9.76 -6.92 32.14
N THR B 42 -8.66 -6.63 32.84
CA THR B 42 -8.67 -6.35 34.27
C THR B 42 -9.68 -5.27 34.67
N GLU B 43 -9.71 -4.18 33.90
CA GLU B 43 -10.61 -3.06 34.21
C GLU B 43 -12.07 -3.46 33.99
N LEU B 44 -12.34 -4.17 32.90
CA LEU B 44 -13.69 -4.65 32.62
C LEU B 44 -14.18 -5.55 33.74
N VAL B 45 -13.32 -6.46 34.19
CA VAL B 45 -13.66 -7.37 35.28
C VAL B 45 -13.89 -6.61 36.59
N ARG B 46 -13.06 -5.62 36.87
CA ARG B 46 -13.22 -4.82 38.08
C ARG B 46 -14.60 -4.17 38.12
N ARG B 47 -15.16 -3.88 36.95
CA ARG B 47 -16.45 -3.21 36.86
C ARG B 47 -17.64 -4.17 36.97
N GLY B 48 -17.38 -5.46 37.01
CA GLY B 48 -18.44 -6.43 37.18
C GLY B 48 -18.73 -7.33 36.00
N HIS B 49 -18.16 -7.01 34.84
CA HIS B 49 -18.32 -7.87 33.67
C HIS B 49 -17.46 -9.12 33.85
N ARG B 50 -17.80 -10.19 33.15
CA ARG B 50 -16.92 -11.36 33.12
C ARG B 50 -16.41 -11.60 31.71
N VAL B 51 -15.15 -12.02 31.60
CA VAL B 51 -14.47 -12.08 30.32
C VAL B 51 -13.99 -13.48 29.93
N SER B 52 -14.40 -13.92 28.74
CA SER B 52 -13.82 -15.11 28.12
C SER B 52 -12.78 -14.64 27.12
N TYR B 53 -11.62 -15.27 27.12
CA TYR B 53 -10.51 -14.81 26.30
C TYR B 53 -9.87 -15.96 25.53
N VAL B 54 -9.96 -15.92 24.21
CA VAL B 54 -9.37 -16.97 23.38
C VAL B 54 -7.86 -16.77 23.22
N THR B 55 -7.10 -17.81 23.49
CA THR B 55 -5.64 -17.76 23.36
C THR B 55 -5.05 -19.17 23.41
N ALA B 56 -3.72 -19.26 23.34
CA ALA B 56 -3.05 -20.55 23.30
C ALA B 56 -1.72 -20.54 24.05
N GLY B 57 -1.17 -21.74 24.29
CA GLY B 57 0.13 -21.88 24.89
C GLY B 57 0.32 -21.15 26.20
N GLY B 58 1.50 -20.56 26.36
CA GLY B 58 1.88 -19.90 27.60
C GLY B 58 1.16 -18.58 27.87
N PHE B 59 0.56 -18.01 26.82
CA PHE B 59 -0.19 -16.77 26.96
C PHE B 59 -1.39 -17.00 27.86
N ALA B 60 -1.75 -18.27 28.04
CA ALA B 60 -2.86 -18.63 28.91
C ALA B 60 -2.61 -18.14 30.33
N GLU B 61 -1.35 -18.11 30.74
CA GLU B 61 -1.00 -17.73 32.10
C GLU B 61 -1.29 -16.26 32.42
N PRO B 62 -0.67 -15.32 31.68
CA PRO B 62 -0.90 -13.90 31.94
C PRO B 62 -2.34 -13.48 31.67
N VAL B 63 -2.99 -14.16 30.72
CA VAL B 63 -4.38 -13.85 30.39
C VAL B 63 -5.29 -14.16 31.58
N ARG B 64 -5.12 -15.34 32.14
CA ARG B 64 -5.94 -15.77 33.27
C ARG B 64 -5.72 -14.86 34.48
N ALA B 65 -4.48 -14.43 34.69
CA ALA B 65 -4.14 -13.56 35.81
C ALA B 65 -4.77 -12.18 35.65
N ALA B 66 -5.06 -11.80 34.42
CA ALA B 66 -5.66 -10.50 34.16
C ALA B 66 -7.17 -10.52 34.41
N GLY B 67 -7.69 -11.69 34.77
CA GLY B 67 -9.08 -11.80 35.21
C GLY B 67 -10.00 -12.56 34.29
N ALA B 68 -9.48 -13.06 33.19
CA ALA B 68 -10.31 -13.72 32.19
C ALA B 68 -10.37 -15.23 32.38
N THR B 69 -11.44 -15.83 31.89
CA THR B 69 -11.52 -17.27 31.73
C THR B 69 -10.93 -17.60 30.36
N VAL B 70 -9.90 -18.44 30.34
CA VAL B 70 -9.21 -18.78 29.11
C VAL B 70 -9.93 -19.82 28.27
N VAL B 71 -10.23 -19.46 27.02
CA VAL B 71 -10.73 -20.41 26.04
C VAL B 71 -9.59 -20.83 25.10
N PRO B 72 -9.10 -22.06 25.25
CA PRO B 72 -7.94 -22.54 24.47
C PRO B 72 -8.30 -22.92 23.04
N TYR B 73 -7.39 -22.65 22.12
CA TYR B 73 -7.53 -23.07 20.74
C TYR B 73 -6.15 -23.56 20.26
N GLN B 74 -6.14 -24.36 19.21
CA GLN B 74 -4.88 -24.91 18.69
C GLN B 74 -4.23 -23.97 17.67
N SER B 75 -3.05 -23.47 18.00
CA SER B 75 -2.41 -22.43 17.21
C SER B 75 -1.23 -22.93 16.38
N GLU B 76 -1.14 -22.45 15.14
CA GLU B 76 0.01 -22.73 14.28
C GLU B 76 1.05 -21.64 14.36
N ILE B 77 0.60 -20.39 14.45
CA ILE B 77 1.51 -19.26 14.40
C ILE B 77 2.41 -19.22 15.63
N ILE B 78 1.91 -19.74 16.76
CA ILE B 78 2.64 -19.70 18.02
C ILE B 78 3.98 -20.43 17.91
N ASP B 79 4.04 -21.42 17.02
CA ASP B 79 5.25 -22.19 16.81
C ASP B 79 5.93 -21.85 15.48
N ALA B 80 5.30 -20.98 14.70
CA ALA B 80 5.80 -20.65 13.38
C ALA B 80 6.85 -19.54 13.43
N ASP B 81 7.84 -19.65 12.55
CA ASP B 81 8.81 -18.58 12.35
C ASP B 81 8.40 -17.77 11.13
N ALA B 82 7.98 -16.53 11.39
CA ALA B 82 7.42 -15.68 10.35
C ALA B 82 8.35 -15.48 9.18
N ALA B 83 9.64 -15.36 9.48
CA ALA B 83 10.66 -15.20 8.44
C ALA B 83 10.64 -16.39 7.48
N GLU B 84 10.55 -17.59 8.05
CA GLU B 84 10.52 -18.81 7.26
C GLU B 84 9.20 -18.96 6.51
N VAL B 85 8.09 -18.70 7.18
CA VAL B 85 6.78 -18.79 6.54
C VAL B 85 6.67 -17.85 5.34
N PHE B 86 7.05 -16.59 5.52
CA PHE B 86 6.96 -15.60 4.45
C PHE B 86 8.03 -15.80 3.36
N GLY B 87 8.98 -16.70 3.63
CA GLY B 87 10.01 -17.00 2.65
C GLY B 87 9.81 -18.33 1.93
N SER B 88 8.84 -19.11 2.37
CA SER B 88 8.60 -20.44 1.80
C SER B 88 8.45 -20.44 0.29
N ASP B 89 7.49 -19.65 -0.21
CA ASP B 89 7.22 -19.57 -1.64
C ASP B 89 7.17 -18.09 -2.03
N ASP B 90 7.10 -17.80 -3.32
CA ASP B 90 7.24 -16.41 -3.75
C ASP B 90 5.93 -15.62 -3.86
N LEU B 91 4.80 -16.28 -3.64
CA LEU B 91 3.51 -15.63 -3.74
C LEU B 91 2.93 -15.32 -2.37
N GLY B 92 3.36 -16.06 -1.36
CA GLY B 92 2.80 -15.94 -0.04
C GLY B 92 1.64 -16.90 0.15
N VAL B 93 1.63 -17.99 -0.61
CA VAL B 93 0.57 -18.98 -0.50
C VAL B 93 0.54 -19.56 0.91
N ARG B 94 1.71 -19.90 1.44
CA ARG B 94 1.78 -20.52 2.76
C ARG B 94 1.25 -19.64 3.90
N PRO B 95 1.72 -18.39 3.99
CA PRO B 95 1.13 -17.51 5.01
C PRO B 95 -0.37 -17.33 4.81
N HIS B 96 -0.80 -16.99 3.58
CA HIS B 96 -2.21 -16.79 3.31
C HIS B 96 -3.06 -17.94 3.85
N LEU B 97 -2.69 -19.16 3.51
CA LEU B 97 -3.47 -20.32 3.93
C LEU B 97 -3.33 -20.60 5.43
N MSE B 98 -2.16 -20.33 5.99
CA MSE B 98 -1.99 -20.47 7.42
C MSE B 98 -2.85 -19.45 8.17
O MSE B 98 -3.38 -19.74 9.24
CB MSE B 98 -0.51 -20.31 7.84
CG MSE B 98 -0.30 -20.49 9.35
SE MSE B 98 1.57 -20.32 9.87
CE MSE B 98 2.27 -21.91 8.95
N TYR B 99 -3.01 -18.27 7.57
CA TYR B 99 -3.85 -17.21 8.14
C TYR B 99 -5.30 -17.66 8.25
N LEU B 100 -5.80 -18.30 7.19
CA LEU B 100 -7.15 -18.83 7.19
C LEU B 100 -7.30 -19.97 8.18
N ARG B 101 -6.33 -20.88 8.19
CA ARG B 101 -6.34 -21.99 9.15
C ARG B 101 -6.41 -21.47 10.58
N GLU B 102 -5.58 -20.48 10.90
CA GLU B 102 -5.57 -19.95 12.26
C GLU B 102 -6.94 -19.37 12.62
N ASN B 103 -7.54 -18.66 11.67
CA ASN B 103 -8.89 -18.14 11.86
C ASN B 103 -9.92 -19.25 12.10
N VAL B 104 -9.84 -20.32 11.31
CA VAL B 104 -10.78 -21.43 11.44
C VAL B 104 -10.62 -22.16 12.78
N SER B 105 -9.37 -22.40 13.15
CA SER B 105 -9.06 -23.01 14.44
C SER B 105 -9.65 -22.20 15.59
N VAL B 106 -9.50 -20.88 15.50
CA VAL B 106 -10.06 -19.98 16.51
C VAL B 106 -11.59 -20.08 16.52
N LEU B 107 -12.17 -20.10 15.32
CA LEU B 107 -13.62 -20.17 15.17
C LEU B 107 -14.23 -21.44 15.76
N ARG B 108 -13.67 -22.60 15.40
CA ARG B 108 -14.20 -23.88 15.89
C ARG B 108 -14.10 -24.02 17.41
N ALA B 109 -12.94 -23.67 17.97
CA ALA B 109 -12.74 -23.78 19.42
C ALA B 109 -13.67 -22.86 20.19
N THR B 110 -13.92 -21.67 19.63
CA THR B 110 -14.74 -20.69 20.32
C THR B 110 -16.21 -21.09 20.27
N ALA B 111 -16.69 -21.44 19.08
CA ALA B 111 -18.07 -21.88 18.94
C ALA B 111 -18.32 -23.07 19.85
N GLU B 112 -17.41 -24.04 19.80
CA GLU B 112 -17.50 -25.25 20.60
C GLU B 112 -17.63 -24.92 22.09
N ALA B 113 -16.78 -24.02 22.57
CA ALA B 113 -16.72 -23.71 23.99
C ALA B 113 -17.88 -22.84 24.48
N LEU B 114 -18.42 -21.99 23.60
CA LEU B 114 -19.34 -20.96 24.04
C LEU B 114 -20.73 -21.00 23.40
N ASP B 115 -21.04 -22.06 22.65
CA ASP B 115 -22.39 -22.20 22.11
C ASP B 115 -23.42 -22.26 23.24
N GLY B 116 -23.02 -22.84 24.37
CA GLY B 116 -23.89 -22.95 25.52
C GLY B 116 -23.77 -21.80 26.51
N ASP B 117 -22.87 -20.86 26.23
CA ASP B 117 -22.68 -19.69 27.09
C ASP B 117 -22.44 -18.45 26.24
N VAL B 118 -23.41 -18.13 25.38
CA VAL B 118 -23.27 -17.08 24.39
C VAL B 118 -23.04 -15.70 24.99
N PRO B 119 -21.91 -15.06 24.62
CA PRO B 119 -21.56 -13.72 25.14
C PRO B 119 -22.48 -12.63 24.60
N ASP B 120 -22.46 -11.48 25.25
CA ASP B 120 -23.29 -10.36 24.86
C ASP B 120 -22.54 -9.47 23.89
N LEU B 121 -21.22 -9.67 23.83
CA LEU B 121 -20.37 -8.85 22.99
C LEU B 121 -19.14 -9.62 22.56
N VAL B 122 -18.85 -9.57 21.27
CA VAL B 122 -17.66 -10.22 20.70
C VAL B 122 -16.64 -9.14 20.37
N LEU B 123 -15.49 -9.22 21.01
CA LEU B 123 -14.38 -8.32 20.68
C LEU B 123 -13.31 -9.14 19.98
N TYR B 124 -12.92 -8.71 18.78
CA TYR B 124 -11.94 -9.46 18.00
C TYR B 124 -10.79 -8.58 17.50
N ASP B 125 -9.57 -9.09 17.64
CA ASP B 125 -8.41 -8.41 17.08
C ASP B 125 -8.45 -8.44 15.56
N ASP B 126 -7.69 -7.56 14.92
CA ASP B 126 -7.59 -7.50 13.47
C ASP B 126 -7.31 -8.88 12.85
N PHE B 127 -6.34 -9.59 13.42
CA PHE B 127 -5.89 -10.87 12.84
C PHE B 127 -7.05 -11.87 12.70
N PRO B 128 -7.75 -12.18 13.81
CA PRO B 128 -8.88 -13.10 13.66
C PRO B 128 -10.21 -12.39 13.35
N PHE B 129 -10.21 -11.38 12.49
CA PHE B 129 -11.45 -10.66 12.21
C PHE B 129 -12.46 -11.53 11.46
N ILE B 130 -11.98 -12.48 10.67
CA ILE B 130 -12.89 -13.40 9.99
C ILE B 130 -13.64 -14.25 11.02
N ALA B 131 -12.90 -14.89 11.93
CA ALA B 131 -13.53 -15.61 13.03
C ALA B 131 -14.45 -14.69 13.82
N GLY B 132 -14.00 -13.46 14.08
CA GLY B 132 -14.77 -12.48 14.82
C GLY B 132 -16.12 -12.17 14.21
N GLN B 133 -16.14 -11.85 12.92
CA GLN B 133 -17.39 -11.57 12.22
C GLN B 133 -18.31 -12.79 12.22
N LEU B 134 -17.73 -13.96 11.97
CA LEU B 134 -18.51 -15.19 11.88
C LEU B 134 -19.16 -15.53 13.21
N LEU B 135 -18.45 -15.29 14.30
CA LEU B 135 -18.99 -15.52 15.65
C LEU B 135 -20.09 -14.52 15.99
N ALA B 136 -19.92 -13.28 15.55
CA ALA B 136 -20.92 -12.24 15.81
C ALA B 136 -22.22 -12.54 15.07
N ALA B 137 -22.10 -13.00 13.83
CA ALA B 137 -23.25 -13.35 13.01
C ALA B 137 -23.93 -14.62 13.51
N ARG B 138 -23.10 -15.60 13.88
CA ARG B 138 -23.58 -16.88 14.41
C ARG B 138 -24.49 -16.66 15.61
N TRP B 139 -24.09 -15.76 16.50
CA TRP B 139 -24.79 -15.57 17.76
C TRP B 139 -25.71 -14.37 17.74
N ARG B 140 -25.79 -13.69 16.59
CA ARG B 140 -26.56 -12.46 16.49
C ARG B 140 -26.18 -11.50 17.63
N ARG B 141 -24.89 -11.20 17.73
CA ARG B 141 -24.37 -10.31 18.77
C ARG B 141 -23.64 -9.11 18.17
N PRO B 142 -23.56 -8.01 18.94
CA PRO B 142 -22.77 -6.84 18.52
C PRO B 142 -21.29 -7.19 18.60
N ALA B 143 -20.45 -6.49 17.85
CA ALA B 143 -19.02 -6.80 17.82
C ALA B 143 -18.14 -5.57 17.96
N VAL B 144 -16.94 -5.78 18.50
CA VAL B 144 -15.95 -4.72 18.61
C VAL B 144 -14.61 -5.19 18.06
N ARG B 145 -13.98 -4.36 17.23
CA ARG B 145 -12.68 -4.70 16.67
C ARG B 145 -11.56 -4.06 17.48
N LEU B 146 -10.53 -4.84 17.77
CA LEU B 146 -9.37 -4.35 18.51
C LEU B 146 -8.20 -4.20 17.56
N SER B 147 -7.49 -3.08 17.66
CA SER B 147 -6.34 -2.84 16.79
C SER B 147 -5.09 -2.47 17.59
N ALA B 148 -4.07 -3.32 17.49
CA ALA B 148 -2.83 -3.11 18.22
C ALA B 148 -1.78 -2.38 17.38
N ALA B 149 -1.98 -2.36 16.06
CA ALA B 149 -1.16 -1.51 15.20
C ALA B 149 -2.06 -0.40 14.66
N PHE B 150 -1.84 0.05 13.43
CA PHE B 150 -2.71 1.07 12.84
C PHE B 150 -4.11 0.52 12.58
N ALA B 151 -5.11 1.39 12.71
CA ALA B 151 -6.49 1.04 12.39
C ALA B 151 -6.73 1.21 10.89
N SER B 152 -7.83 0.63 10.40
CA SER B 152 -8.15 0.66 8.98
C SER B 152 -9.56 1.17 8.72
N ASN B 153 -9.72 2.05 7.74
CA ASN B 153 -11.04 2.46 7.31
C ASN B 153 -11.15 2.55 5.80
N GLU B 154 -12.13 3.28 5.30
CA GLU B 154 -12.34 3.38 3.86
C GLU B 154 -11.22 4.14 3.15
N HIS B 155 -10.37 4.83 3.92
CA HIS B 155 -9.30 5.63 3.33
C HIS B 155 -7.94 4.94 3.42
N TYR B 156 -7.62 4.43 4.60
CA TYR B 156 -6.35 3.76 4.81
C TYR B 156 -6.55 2.33 5.27
N SER B 157 -5.90 1.41 4.57
CA SER B 157 -5.95 0.00 4.88
C SER B 157 -4.56 -0.51 5.29
N PHE B 158 -4.44 -0.88 6.56
CA PHE B 158 -3.20 -1.43 7.08
C PHE B 158 -2.87 -2.76 6.39
N SER B 159 -3.90 -3.57 6.18
CA SER B 159 -3.75 -4.85 5.49
C SER B 159 -3.11 -4.71 4.11
N GLN B 160 -3.69 -3.90 3.24
CA GLN B 160 -3.14 -3.70 1.91
C GLN B 160 -1.70 -3.23 2.00
N ASP B 161 -1.46 -2.28 2.90
CA ASP B 161 -0.11 -1.77 3.14
C ASP B 161 0.86 -2.93 3.38
N MSE B 162 0.52 -3.82 4.31
CA MSE B 162 1.39 -4.95 4.61
C MSE B 162 1.54 -5.93 3.45
O MSE B 162 2.63 -6.44 3.19
CB MSE B 162 0.95 -5.66 5.89
CG MSE B 162 1.55 -5.06 7.14
SE MSE B 162 1.06 -6.09 8.70
CE MSE B 162 -0.86 -6.13 8.42
N VAL B 163 0.44 -6.20 2.73
CA VAL B 163 0.50 -7.05 1.54
C VAL B 163 1.50 -6.49 0.53
N THR B 164 1.32 -5.22 0.19
CA THR B 164 2.20 -4.53 -0.75
C THR B 164 3.65 -4.62 -0.30
N LEU B 165 3.91 -4.14 0.92
CA LEU B 165 5.25 -4.15 1.48
C LEU B 165 5.85 -5.56 1.56
N ALA B 166 5.03 -6.54 1.88
CA ALA B 166 5.50 -7.92 1.99
C ALA B 166 5.75 -8.55 0.61
N GLY B 167 5.12 -7.99 -0.42
CA GLY B 167 5.29 -8.49 -1.77
C GLY B 167 4.56 -9.78 -2.08
N THR B 168 3.53 -10.11 -1.29
CA THR B 168 2.76 -11.32 -1.56
C THR B 168 1.64 -11.01 -2.55
N ILE B 169 1.05 -12.07 -3.09
CA ILE B 169 -0.15 -11.91 -3.90
C ILE B 169 -1.23 -11.37 -2.97
N ASP B 170 -2.16 -10.60 -3.52
CA ASP B 170 -3.34 -10.20 -2.78
C ASP B 170 -4.08 -11.50 -2.44
N PRO B 171 -4.38 -11.71 -1.16
CA PRO B 171 -5.07 -12.92 -0.69
C PRO B 171 -6.29 -13.27 -1.53
N LEU B 172 -7.01 -12.24 -1.98
CA LEU B 172 -8.22 -12.47 -2.77
C LEU B 172 -7.91 -12.75 -4.23
N ASP B 173 -6.64 -12.63 -4.61
CA ASP B 173 -6.20 -13.00 -5.96
C ASP B 173 -5.73 -14.44 -5.96
N LEU B 174 -5.82 -15.10 -4.81
CA LEU B 174 -5.48 -16.50 -4.70
C LEU B 174 -6.76 -17.31 -4.65
N PRO B 175 -7.12 -17.94 -5.79
CA PRO B 175 -8.39 -18.66 -5.94
C PRO B 175 -8.68 -19.59 -4.77
N VAL B 176 -7.70 -20.41 -4.37
CA VAL B 176 -7.92 -21.36 -3.29
C VAL B 176 -8.23 -20.69 -1.96
N PHE B 177 -7.56 -19.58 -1.67
CA PHE B 177 -7.85 -18.82 -0.46
C PHE B 177 -9.27 -18.25 -0.53
N ARG B 178 -9.59 -17.71 -1.71
CA ARG B 178 -10.87 -17.07 -1.96
C ARG B 178 -12.01 -18.08 -1.88
N ASP B 179 -11.80 -19.26 -2.47
CA ASP B 179 -12.81 -20.33 -2.44
C ASP B 179 -13.01 -20.85 -1.02
N THR B 180 -11.92 -21.00 -0.29
CA THR B 180 -11.99 -21.49 1.09
C THR B 180 -12.81 -20.53 1.93
N LEU B 181 -12.63 -19.24 1.70
CA LEU B 181 -13.31 -18.21 2.47
C LEU B 181 -14.79 -18.15 2.06
N ARG B 182 -15.04 -18.23 0.76
CA ARG B 182 -16.41 -18.25 0.27
C ARG B 182 -17.20 -19.38 0.93
N ASP B 183 -16.63 -20.58 0.91
CA ASP B 183 -17.29 -21.74 1.50
C ASP B 183 -17.49 -21.57 3.00
N LEU B 184 -16.50 -20.97 3.65
CA LEU B 184 -16.59 -20.74 5.10
C LEU B 184 -17.74 -19.78 5.42
N LEU B 185 -17.91 -18.74 4.60
CA LEU B 185 -18.99 -17.79 4.78
C LEU B 185 -20.35 -18.43 4.52
N ALA B 186 -20.45 -19.18 3.44
CA ALA B 186 -21.71 -19.85 3.08
C ALA B 186 -22.11 -20.89 4.11
N GLU B 187 -21.18 -21.81 4.38
CA GLU B 187 -21.37 -22.83 5.40
C GLU B 187 -21.92 -22.23 6.70
N HIS B 188 -21.44 -21.04 7.05
CA HIS B 188 -21.84 -20.40 8.31
C HIS B 188 -23.01 -19.43 8.13
N GLY B 189 -23.54 -19.36 6.92
CA GLY B 189 -24.72 -18.57 6.65
C GLY B 189 -24.60 -17.07 6.85
N LEU B 190 -23.37 -16.56 6.79
CA LEU B 190 -23.16 -15.11 6.86
C LEU B 190 -23.63 -14.48 5.56
N SER B 191 -24.70 -13.69 5.63
CA SER B 191 -25.25 -13.03 4.45
C SER B 191 -24.41 -11.82 4.07
N ARG B 192 -23.18 -12.08 3.63
CA ARG B 192 -22.22 -11.05 3.28
C ARG B 192 -21.24 -11.62 2.27
N SER B 193 -20.92 -10.85 1.24
CA SER B 193 -20.02 -11.32 0.20
C SER B 193 -18.58 -11.40 0.71
N VAL B 194 -17.74 -12.12 -0.02
CA VAL B 194 -16.34 -12.27 0.35
C VAL B 194 -15.63 -10.91 0.43
N VAL B 195 -15.79 -10.09 -0.61
CA VAL B 195 -15.14 -8.78 -0.63
C VAL B 195 -15.66 -7.86 0.50
N ASP B 196 -16.95 -7.92 0.79
CA ASP B 196 -17.53 -7.11 1.86
C ASP B 196 -17.08 -7.57 3.24
N CYS B 197 -16.98 -8.89 3.42
CA CYS B 197 -16.45 -9.46 4.65
C CYS B 197 -14.99 -9.02 4.86
N TRP B 198 -14.19 -9.13 3.81
CA TRP B 198 -12.76 -8.80 3.91
C TRP B 198 -12.55 -7.33 4.28
N ASN B 199 -13.37 -6.46 3.73
CA ASN B 199 -13.21 -5.03 3.93
C ASN B 199 -14.22 -4.43 4.91
N HIS B 200 -14.71 -5.29 5.79
CA HIS B 200 -15.71 -4.91 6.77
C HIS B 200 -15.15 -3.94 7.81
N VAL B 201 -15.83 -2.82 7.99
CA VAL B 201 -15.51 -1.89 9.06
C VAL B 201 -16.51 -2.08 10.19
N GLU B 202 -16.02 -2.47 11.36
CA GLU B 202 -16.87 -2.78 12.51
C GLU B 202 -17.48 -1.51 13.11
N GLN B 203 -18.64 -1.67 13.75
CA GLN B 203 -19.37 -0.54 14.33
C GLN B 203 -18.58 0.19 15.41
N LEU B 204 -17.81 -0.55 16.19
CA LEU B 204 -16.94 0.04 17.20
C LEU B 204 -15.54 -0.54 17.10
N ASN B 205 -14.54 0.33 17.20
CA ASN B 205 -13.15 -0.08 17.13
C ASN B 205 -12.34 0.53 18.28
N LEU B 206 -11.62 -0.31 19.01
CA LEU B 206 -10.71 0.17 20.03
C LEU B 206 -9.26 0.05 19.54
N VAL B 207 -8.59 1.19 19.41
CA VAL B 207 -7.25 1.23 18.82
C VAL B 207 -6.22 1.67 19.86
N PHE B 208 -5.19 0.86 20.08
CA PHE B 208 -4.23 1.13 21.14
C PHE B 208 -3.11 2.07 20.71
N VAL B 209 -3.51 3.10 19.97
CA VAL B 209 -2.62 4.12 19.46
C VAL B 209 -3.34 5.45 19.63
N PRO B 210 -2.60 6.54 19.91
CA PRO B 210 -3.21 7.87 19.95
C PRO B 210 -3.66 8.27 18.55
N LYS B 211 -4.79 8.94 18.42
CA LYS B 211 -5.21 9.40 17.10
C LYS B 211 -4.09 10.16 16.42
N ALA B 212 -3.33 10.92 17.21
CA ALA B 212 -2.24 11.73 16.67
C ALA B 212 -1.22 10.88 15.90
N PHE B 213 -1.00 9.66 16.35
CA PHE B 213 -0.03 8.79 15.70
C PHE B 213 -0.62 8.05 14.50
N GLN B 214 -1.92 7.75 14.60
CA GLN B 214 -2.58 6.99 13.55
C GLN B 214 -2.38 7.63 12.19
N ILE B 215 -2.05 6.80 11.21
CA ILE B 215 -1.97 7.25 9.82
C ILE B 215 -3.35 7.71 9.36
N ALA B 216 -3.40 8.88 8.71
CA ALA B 216 -4.65 9.49 8.30
C ALA B 216 -5.66 9.55 9.46
N GLY B 217 -5.14 9.77 10.67
CA GLY B 217 -5.95 9.81 11.87
C GLY B 217 -7.23 10.63 11.80
N ASP B 218 -7.19 11.75 11.09
CA ASP B 218 -8.34 12.66 11.06
C ASP B 218 -9.52 12.14 10.23
N THR B 219 -9.27 11.11 9.42
CA THR B 219 -10.31 10.52 8.60
C THR B 219 -11.18 9.54 9.39
N PHE B 220 -10.73 9.19 10.59
CA PHE B 220 -11.42 8.18 11.39
C PHE B 220 -12.59 8.76 12.20
N ASP B 221 -13.79 8.31 11.88
CA ASP B 221 -14.99 8.83 12.54
C ASP B 221 -15.25 8.19 13.90
N ASP B 222 -16.48 8.33 14.39
CA ASP B 222 -16.84 7.95 15.75
C ASP B 222 -16.87 6.43 15.96
N ARG B 223 -16.73 5.67 14.89
CA ARG B 223 -16.62 4.23 15.03
C ARG B 223 -15.29 3.86 15.69
N PHE B 224 -14.38 4.83 15.78
CA PHE B 224 -13.03 4.54 16.25
C PHE B 224 -12.66 5.29 17.53
N VAL B 225 -12.21 4.54 18.52
CA VAL B 225 -11.81 5.12 19.79
C VAL B 225 -10.32 4.87 20.04
N PHE B 226 -9.52 5.93 19.90
CA PHE B 226 -8.06 5.81 20.05
C PHE B 226 -7.60 5.95 21.49
N VAL B 227 -7.49 4.81 22.18
CA VAL B 227 -7.20 4.80 23.60
C VAL B 227 -5.71 4.76 23.93
N GLY B 228 -4.88 4.53 22.93
CA GLY B 228 -3.44 4.47 23.15
C GLY B 228 -3.05 3.27 23.98
N PRO B 229 -1.76 3.21 24.38
CA PRO B 229 -1.24 2.04 25.11
C PRO B 229 -1.67 1.99 26.56
N CYS B 230 -1.76 0.77 27.10
CA CYS B 230 -2.15 0.54 28.47
C CYS B 230 -1.38 -0.67 28.99
N PHE B 231 -0.86 -0.58 30.22
CA PHE B 231 -0.05 -1.67 30.76
C PHE B 231 0.21 -1.57 32.26
N ASP B 232 0.47 -2.72 32.88
CA ASP B 232 0.93 -2.74 34.26
C ASP B 232 2.43 -3.06 34.31
N ASP B 233 2.86 -3.75 35.36
CA ASP B 233 4.28 -4.06 35.55
C ASP B 233 4.78 -5.19 34.65
N ARG B 234 3.85 -6.02 34.17
CA ARG B 234 4.21 -7.15 33.32
C ARG B 234 5.33 -7.97 33.93
N ARG B 235 5.05 -8.54 35.09
CA ARG B 235 6.03 -9.31 35.83
C ARG B 235 6.35 -10.61 35.11
N PHE B 236 5.37 -11.14 34.39
CA PHE B 236 5.53 -12.40 33.66
C PHE B 236 6.62 -12.30 32.59
N LEU B 237 7.05 -11.09 32.30
CA LEU B 237 8.16 -10.88 31.36
C LEU B 237 9.48 -10.80 32.13
N GLY B 238 9.40 -11.03 33.43
CA GLY B 238 10.57 -10.95 34.30
C GLY B 238 10.63 -9.60 34.99
N GLU B 239 11.84 -9.17 35.33
CA GLU B 239 12.02 -7.85 35.92
C GLU B 239 13.41 -7.32 35.63
N TRP B 240 13.59 -6.03 35.89
CA TRP B 240 14.83 -5.36 35.57
C TRP B 240 14.95 -4.06 36.35
N THR B 241 16.15 -3.78 36.85
CA THR B 241 16.42 -2.52 37.52
C THR B 241 17.74 -1.96 37.00
N ARG B 242 17.78 -0.66 36.76
CA ARG B 242 18.94 -0.03 36.14
C ARG B 242 20.20 -0.24 36.98
N PRO B 243 21.37 -0.09 36.34
CA PRO B 243 22.67 -0.19 37.02
C PRO B 243 22.85 0.93 38.04
N ALA B 244 23.69 0.70 39.04
CA ALA B 244 23.92 1.70 40.08
C ALA B 244 24.85 2.82 39.61
N ASP B 245 25.08 2.90 38.31
CA ASP B 245 25.94 3.94 37.76
C ASP B 245 25.17 5.07 37.10
N ASP B 246 25.88 5.94 36.41
CA ASP B 246 25.30 7.16 35.85
C ASP B 246 25.33 7.19 34.33
N LEU B 247 25.34 6.02 33.71
CA LEU B 247 25.28 5.95 32.25
C LEU B 247 23.84 6.02 31.77
N PRO B 248 23.58 6.86 30.76
CA PRO B 248 22.24 6.93 30.17
C PRO B 248 21.85 5.56 29.59
N VAL B 249 20.62 5.14 29.85
CA VAL B 249 20.16 3.81 29.48
C VAL B 249 19.53 3.78 28.08
N VAL B 250 19.94 2.79 27.30
CA VAL B 250 19.41 2.62 25.95
C VAL B 250 18.83 1.22 25.75
N LEU B 251 17.53 1.16 25.48
CA LEU B 251 16.88 -0.10 25.14
C LEU B 251 17.12 -0.43 23.68
N VAL B 252 17.52 -1.68 23.42
CA VAL B 252 17.72 -2.16 22.05
C VAL B 252 16.98 -3.47 21.84
N SER B 253 16.10 -3.51 20.85
CA SER B 253 15.29 -4.71 20.61
C SER B 253 14.82 -4.82 19.16
N LEU B 254 14.79 -6.06 18.66
CA LEU B 254 14.22 -6.34 17.34
C LEU B 254 12.83 -6.94 17.47
N GLY B 255 12.28 -6.91 18.68
CA GLY B 255 10.97 -7.45 18.92
C GLY B 255 10.97 -8.96 19.11
N THR B 256 9.86 -9.59 18.75
CA THR B 256 9.64 -11.00 19.03
C THR B 256 9.35 -11.81 17.77
N THR B 257 9.42 -11.16 16.61
CA THR B 257 8.94 -11.76 15.37
C THR B 257 10.03 -12.01 14.34
N PHE B 258 10.69 -10.96 13.87
CA PHE B 258 11.79 -11.10 12.93
C PHE B 258 13.11 -10.80 13.62
N ASN B 259 13.44 -11.62 14.62
CA ASN B 259 14.53 -11.32 15.55
C ASN B 259 15.68 -12.33 15.56
N ASP B 260 15.73 -13.19 14.55
CA ASP B 260 16.82 -14.15 14.45
C ASP B 260 18.04 -13.49 13.79
N ARG B 261 18.70 -12.61 14.54
CA ARG B 261 19.74 -11.78 13.98
C ARG B 261 20.93 -11.63 14.94
N PRO B 262 21.68 -12.72 15.16
CA PRO B 262 22.77 -12.69 16.13
C PRO B 262 23.79 -11.59 15.79
N GLY B 263 24.09 -11.47 14.50
CA GLY B 263 25.04 -10.48 14.03
C GLY B 263 24.67 -9.06 14.40
N PHE B 264 23.38 -8.72 14.33
CA PHE B 264 22.93 -7.38 14.65
C PHE B 264 23.22 -7.04 16.11
N PHE B 265 22.82 -7.93 17.01
CA PHE B 265 23.03 -7.72 18.44
C PHE B 265 24.50 -7.71 18.81
N ARG B 266 25.30 -8.48 18.08
CA ARG B 266 26.72 -8.58 18.35
C ARG B 266 27.44 -7.33 17.88
N ASP B 267 27.08 -6.83 16.71
CA ASP B 267 27.66 -5.60 16.20
C ASP B 267 27.27 -4.42 17.10
N CYS B 268 26.05 -4.45 17.61
CA CYS B 268 25.58 -3.42 18.53
C CYS B 268 26.43 -3.39 19.80
N ALA B 269 26.65 -4.56 20.40
CA ALA B 269 27.47 -4.66 21.61
C ALA B 269 28.89 -4.17 21.37
N ARG B 270 29.44 -4.49 20.21
CA ARG B 270 30.80 -4.10 19.88
C ARG B 270 30.91 -2.58 19.79
N ALA B 271 29.98 -1.98 19.07
CA ALA B 271 30.00 -0.53 18.85
C ALA B 271 29.87 0.25 20.15
N PHE B 272 29.02 -0.23 21.05
CA PHE B 272 28.78 0.49 22.31
C PHE B 272 29.80 0.16 23.39
N ASP B 273 30.75 -0.72 23.08
CA ASP B 273 31.78 -1.07 24.04
C ASP B 273 32.65 0.14 24.38
N GLY B 274 32.69 0.49 25.65
CA GLY B 274 33.50 1.61 26.12
C GLY B 274 32.83 2.96 25.93
N GLN B 275 31.70 2.97 25.23
CA GLN B 275 30.97 4.20 24.98
C GLN B 275 30.12 4.58 26.20
N PRO B 276 29.75 5.86 26.31
CA PRO B 276 29.05 6.37 27.49
C PRO B 276 27.53 6.09 27.51
N TRP B 277 27.16 4.83 27.29
CA TRP B 277 25.76 4.41 27.35
C TRP B 277 25.68 3.05 28.01
N HIS B 278 24.59 2.79 28.73
CA HIS B 278 24.31 1.44 29.20
C HIS B 278 23.25 0.81 28.31
N VAL B 279 23.62 -0.25 27.59
CA VAL B 279 22.75 -0.86 26.60
C VAL B 279 22.03 -2.09 27.11
N VAL B 280 20.70 -2.08 27.01
CA VAL B 280 19.89 -3.24 27.37
C VAL B 280 19.28 -3.84 26.11
N MSE B 281 19.74 -5.03 25.75
CA MSE B 281 19.30 -5.69 24.53
C MSE B 281 18.35 -6.83 24.85
O MSE B 281 18.65 -7.67 25.70
CB MSE B 281 20.50 -6.22 23.73
CG MSE B 281 21.54 -5.17 23.42
SE MSE B 281 22.85 -5.77 22.11
CE MSE B 281 23.38 -7.42 23.00
N THR B 282 17.21 -6.87 24.18
CA THR B 282 16.27 -7.98 24.35
C THR B 282 16.15 -8.81 23.08
N LEU B 283 16.24 -10.12 23.23
CA LEU B 283 16.33 -11.04 22.10
C LEU B 283 14.97 -11.61 21.69
N GLY B 284 14.02 -11.60 22.61
CA GLY B 284 12.67 -12.02 22.30
C GLY B 284 12.52 -13.51 22.02
N GLY B 285 13.12 -14.32 22.88
CA GLY B 285 12.91 -15.77 22.83
C GLY B 285 13.43 -16.48 21.58
N GLN B 286 14.32 -15.85 20.83
CA GLN B 286 14.85 -16.47 19.63
C GLN B 286 16.35 -16.76 19.72
N VAL B 287 17.17 -15.70 19.71
CA VAL B 287 18.61 -15.86 19.87
C VAL B 287 18.98 -16.14 21.31
N ASP B 288 19.88 -17.10 21.52
CA ASP B 288 20.36 -17.38 22.87
C ASP B 288 21.45 -16.38 23.23
N PRO B 289 21.35 -15.79 24.43
CA PRO B 289 22.33 -14.79 24.89
C PRO B 289 23.77 -15.27 24.72
N ALA B 290 24.02 -16.54 25.06
CA ALA B 290 25.35 -17.10 24.95
C ALA B 290 25.91 -17.06 23.53
N ALA B 291 25.04 -17.15 22.54
CA ALA B 291 25.46 -17.11 21.13
C ALA B 291 26.08 -15.76 20.77
N LEU B 292 25.89 -14.77 21.64
CA LEU B 292 26.41 -13.43 21.40
C LEU B 292 27.89 -13.31 21.75
N GLY B 293 28.39 -14.25 22.57
CA GLY B 293 29.74 -14.16 23.06
C GLY B 293 29.82 -13.17 24.21
N ASP B 294 31.04 -12.82 24.62
CA ASP B 294 31.24 -11.94 25.77
C ASP B 294 30.76 -10.52 25.52
N LEU B 295 29.98 -10.00 26.46
CA LEU B 295 29.44 -8.65 26.35
C LEU B 295 30.26 -7.66 27.17
N PRO B 296 30.50 -6.46 26.63
CA PRO B 296 31.12 -5.39 27.41
C PRO B 296 30.38 -5.21 28.72
N PRO B 297 31.02 -4.58 29.72
CA PRO B 297 30.36 -4.38 31.02
C PRO B 297 29.13 -3.48 30.91
N ASN B 298 29.11 -2.60 29.92
CA ASN B 298 27.99 -1.69 29.73
C ASN B 298 26.93 -2.23 28.77
N VAL B 299 26.90 -3.55 28.60
CA VAL B 299 25.92 -4.18 27.70
C VAL B 299 25.21 -5.36 28.36
N GLU B 300 23.89 -5.33 28.33
CA GLU B 300 23.06 -6.40 28.88
C GLU B 300 22.35 -7.14 27.77
N ALA B 301 22.19 -8.45 27.92
CA ALA B 301 21.39 -9.23 26.98
C ALA B 301 20.44 -10.17 27.70
N HIS B 302 19.16 -10.08 27.36
CA HIS B 302 18.14 -10.94 27.95
C HIS B 302 17.27 -11.57 26.87
N ARG B 303 16.75 -12.76 27.13
CA ARG B 303 15.74 -13.35 26.26
C ARG B 303 14.49 -12.50 26.36
N TRP B 304 14.15 -12.09 27.59
CA TRP B 304 12.98 -11.25 27.85
C TRP B 304 13.22 -10.37 29.08
N VAL B 305 13.00 -9.07 28.93
CA VAL B 305 12.78 -8.19 30.07
C VAL B 305 11.65 -7.21 29.73
N PRO B 306 10.87 -6.82 30.73
CA PRO B 306 9.77 -5.86 30.55
C PRO B 306 10.26 -4.57 29.90
N HIS B 307 9.86 -4.33 28.66
CA HIS B 307 10.25 -3.11 27.97
C HIS B 307 9.76 -1.86 28.70
N VAL B 308 8.60 -1.97 29.37
CA VAL B 308 8.04 -0.82 30.07
C VAL B 308 8.92 -0.38 31.24
N LYS B 309 9.52 -1.35 31.92
CA LYS B 309 10.39 -1.07 33.06
C LYS B 309 11.71 -0.45 32.63
N VAL B 310 12.24 -0.89 31.49
CA VAL B 310 13.46 -0.31 30.97
C VAL B 310 13.23 1.08 30.43
N LEU B 311 12.11 1.27 29.74
CA LEU B 311 11.81 2.55 29.10
C LEU B 311 11.54 3.65 30.13
N GLU B 312 11.10 3.26 31.32
CA GLU B 312 10.87 4.23 32.37
C GLU B 312 12.18 4.89 32.78
N GLN B 313 13.28 4.14 32.67
CA GLN B 313 14.59 4.64 33.09
C GLN B 313 15.45 5.08 31.91
N ALA B 314 14.92 4.93 30.70
CA ALA B 314 15.74 5.03 29.49
C ALA B 314 15.91 6.46 28.98
N THR B 315 16.99 6.65 28.23
CA THR B 315 17.23 7.91 27.54
C THR B 315 16.88 7.78 26.07
N VAL B 316 17.15 6.61 25.51
CA VAL B 316 16.84 6.36 24.10
C VAL B 316 16.22 4.97 23.92
N CYS B 317 15.31 4.86 22.96
CA CYS B 317 14.78 3.56 22.59
C CYS B 317 15.15 3.22 21.17
N VAL B 318 15.87 2.11 21.00
CA VAL B 318 16.14 1.57 19.68
C VAL B 318 15.27 0.34 19.48
N THR B 319 14.44 0.38 18.45
CA THR B 319 13.47 -0.68 18.20
C THR B 319 13.31 -0.89 16.71
N HIS B 320 12.95 -2.10 16.32
CA HIS B 320 12.68 -2.40 14.92
C HIS B 320 11.42 -1.65 14.46
N GLY B 321 10.55 -1.31 15.40
CA GLY B 321 9.37 -0.53 15.09
C GLY B 321 8.04 -1.20 15.43
N GLY B 322 8.07 -2.21 16.29
CA GLY B 322 6.86 -2.84 16.74
C GLY B 322 6.01 -1.84 17.49
N MSE B 323 4.71 -1.78 17.17
CA MSE B 323 3.84 -0.75 17.74
C MSE B 323 3.94 -0.70 19.26
O MSE B 323 4.09 0.36 19.86
CB MSE B 323 2.39 -0.94 17.31
CG MSE B 323 1.51 0.25 17.65
SE MSE B 323 2.05 1.85 16.67
CE MSE B 323 1.08 1.52 15.01
N GLY B 324 3.85 -1.88 19.90
CA GLY B 324 3.91 -1.96 21.33
C GLY B 324 5.11 -1.23 21.89
N THR B 325 6.29 -1.56 21.39
CA THR B 325 7.50 -0.95 21.90
C THR B 325 7.54 0.54 21.58
N LEU B 326 7.11 0.91 20.37
CA LEU B 326 7.03 2.30 19.98
C LEU B 326 6.15 3.08 20.95
N MSE B 327 4.99 2.52 21.28
CA MSE B 327 4.05 3.20 22.15
C MSE B 327 4.53 3.24 23.60
O MSE B 327 4.30 4.21 24.32
CB MSE B 327 2.67 2.54 22.07
CG MSE B 327 1.92 2.74 20.76
SE MSE B 327 1.68 4.62 20.25
CE MSE B 327 3.20 4.83 19.04
N GLU B 328 5.22 2.19 24.04
CA GLU B 328 5.74 2.15 25.40
C GLU B 328 6.88 3.15 25.56
N ALA B 329 7.61 3.38 24.47
CA ALA B 329 8.69 4.37 24.48
C ALA B 329 8.15 5.79 24.48
N LEU B 330 7.13 6.03 23.65
CA LEU B 330 6.58 7.38 23.52
C LEU B 330 5.74 7.76 24.73
N TYR B 331 5.26 6.74 25.44
CA TYR B 331 4.56 6.95 26.70
C TYR B 331 5.51 7.63 27.69
N TRP B 332 6.78 7.25 27.64
CA TRP B 332 7.80 7.83 28.51
C TRP B 332 8.56 8.96 27.82
N GLY B 333 8.12 9.35 26.63
CA GLY B 333 8.74 10.42 25.89
C GLY B 333 10.20 10.18 25.54
N ARG B 334 10.52 9.01 25.02
CA ARG B 334 11.89 8.71 24.62
C ARG B 334 12.08 8.90 23.13
N PRO B 335 13.16 9.59 22.74
CA PRO B 335 13.51 9.70 21.32
C PRO B 335 13.81 8.33 20.75
N LEU B 336 13.50 8.13 19.48
CA LEU B 336 13.57 6.80 18.91
C LEU B 336 14.66 6.65 17.86
N VAL B 337 15.21 5.46 17.78
CA VAL B 337 15.95 5.04 16.61
C VAL B 337 15.24 3.80 16.13
N VAL B 338 14.60 3.90 14.97
CA VAL B 338 13.81 2.80 14.44
C VAL B 338 14.61 2.08 13.36
N VAL B 339 14.78 0.78 13.54
CA VAL B 339 15.58 -0.05 12.65
C VAL B 339 14.75 -1.18 12.04
N PRO B 340 13.77 -0.83 11.19
CA PRO B 340 12.87 -1.83 10.62
C PRO B 340 13.62 -2.86 9.78
N GLN B 341 13.42 -4.14 10.06
CA GLN B 341 14.07 -5.22 9.31
C GLN B 341 13.04 -6.04 8.52
N SER B 342 11.79 -5.62 8.56
CA SER B 342 10.72 -6.41 7.96
C SER B 342 9.50 -5.56 7.60
N PHE B 343 8.63 -6.11 6.76
CA PHE B 343 7.53 -5.36 6.16
C PHE B 343 6.46 -4.94 7.18
N ASP B 344 6.28 -5.74 8.22
CA ASP B 344 5.17 -5.52 9.16
C ASP B 344 5.32 -4.24 10.01
N VAL B 345 6.53 -3.71 10.06
CA VAL B 345 6.80 -2.53 10.90
C VAL B 345 7.21 -1.33 10.06
N GLN B 346 7.20 -1.49 8.75
CA GLN B 346 7.54 -0.39 7.83
C GLN B 346 6.58 0.80 7.95
N PRO B 347 5.26 0.53 8.03
CA PRO B 347 4.33 1.66 8.19
C PRO B 347 4.61 2.47 9.46
N MSE B 348 5.00 1.79 10.54
CA MSE B 348 5.31 2.45 11.79
C MSE B 348 6.60 3.26 11.70
O MSE B 348 6.64 4.42 12.12
CB MSE B 348 5.41 1.43 12.93
CG MSE B 348 4.07 0.88 13.40
SE MSE B 348 3.37 -0.51 12.23
CE MSE B 348 3.63 -2.02 13.41
N ALA B 349 7.64 2.66 11.14
CA ALA B 349 8.90 3.35 10.94
C ALA B 349 8.70 4.57 10.05
N ARG B 350 7.89 4.40 9.02
CA ARG B 350 7.56 5.49 8.10
C ARG B 350 6.86 6.64 8.81
N ARG B 351 5.96 6.31 9.73
CA ARG B 351 5.18 7.32 10.42
C ARG B 351 6.06 8.09 11.42
N VAL B 352 6.90 7.37 12.15
CA VAL B 352 7.84 8.00 13.07
C VAL B 352 8.73 8.98 12.32
N ASP B 353 9.16 8.58 11.13
CA ASP B 353 9.98 9.45 10.31
C ASP B 353 9.21 10.72 9.96
N GLN B 354 7.94 10.56 9.58
CA GLN B 354 7.11 11.68 9.15
C GLN B 354 6.86 12.68 10.26
N LEU B 355 6.71 12.18 11.49
CA LEU B 355 6.38 13.04 12.62
C LEU B 355 7.66 13.55 13.32
N GLY B 356 8.81 13.15 12.79
CA GLY B 356 10.09 13.57 13.31
C GLY B 356 10.29 13.14 14.75
N LEU B 357 9.90 11.92 15.07
CA LEU B 357 9.99 11.39 16.43
C LEU B 357 11.24 10.55 16.66
N GLY B 358 12.04 10.36 15.61
CA GLY B 358 13.26 9.57 15.72
C GLY B 358 14.03 9.45 14.43
N ALA B 359 15.16 8.75 14.50
CA ALA B 359 15.93 8.44 13.30
C ALA B 359 15.56 7.05 12.82
N VAL B 360 15.40 6.88 11.51
CA VAL B 360 15.07 5.57 10.96
C VAL B 360 16.23 5.00 10.15
N LEU B 361 16.69 3.82 10.54
CA LEU B 361 17.75 3.11 9.84
C LEU B 361 17.22 1.80 9.26
N PRO B 362 16.77 1.84 8.00
CA PRO B 362 16.12 0.68 7.37
C PRO B 362 17.07 -0.47 7.11
N GLY B 363 16.74 -1.63 7.65
CA GLY B 363 17.46 -2.86 7.37
C GLY B 363 18.98 -2.81 7.51
N GLU B 364 19.67 -2.86 6.37
CA GLU B 364 21.13 -2.95 6.32
C GLU B 364 21.81 -1.74 6.96
N LYS B 365 21.16 -0.60 6.88
CA LYS B 365 21.71 0.66 7.40
C LYS B 365 21.98 0.59 8.90
N ALA B 366 21.37 -0.38 9.58
CA ALA B 366 21.40 -0.42 11.03
C ALA B 366 22.56 -1.22 11.63
N ASP B 367 23.78 -0.83 11.31
CA ASP B 367 24.93 -1.50 11.92
C ASP B 367 25.26 -0.86 13.27
N GLY B 368 26.13 -1.50 14.04
CA GLY B 368 26.49 -1.01 15.35
C GLY B 368 26.94 0.45 15.35
N ASP B 369 27.83 0.79 14.42
CA ASP B 369 28.38 2.13 14.34
C ASP B 369 27.32 3.17 14.02
N THR B 370 26.52 2.89 12.99
CA THR B 370 25.44 3.77 12.58
C THR B 370 24.42 3.95 13.71
N LEU B 371 24.21 2.88 14.46
CA LEU B 371 23.33 2.92 15.63
C LEU B 371 23.92 3.85 16.69
N LEU B 372 25.22 3.74 16.92
CA LEU B 372 25.90 4.54 17.92
C LEU B 372 25.70 6.03 17.65
N ALA B 373 25.96 6.44 16.41
CA ALA B 373 25.75 7.83 16.00
C ALA B 373 24.31 8.28 16.22
N ALA B 374 23.36 7.45 15.77
CA ALA B 374 21.94 7.80 15.85
C ALA B 374 21.48 7.95 17.29
N VAL B 375 21.88 7.03 18.15
CA VAL B 375 21.52 7.08 19.56
C VAL B 375 21.93 8.41 20.18
N GLY B 376 23.16 8.83 19.92
CA GLY B 376 23.66 10.09 20.44
C GLY B 376 22.99 11.27 19.77
N ALA B 377 22.73 11.15 18.48
CA ALA B 377 22.10 12.22 17.71
C ALA B 377 20.69 12.53 18.22
N VAL B 378 19.88 11.49 18.40
CA VAL B 378 18.50 11.72 18.85
C VAL B 378 18.44 12.20 20.30
N ALA B 379 19.37 11.74 21.11
CA ALA B 379 19.43 12.13 22.51
C ALA B 379 19.71 13.63 22.66
N ALA B 380 20.37 14.22 21.67
CA ALA B 380 20.82 15.61 21.76
C ALA B 380 20.09 16.56 20.80
N ASP B 381 19.06 16.05 20.12
CA ASP B 381 18.31 16.89 19.18
C ASP B 381 17.13 17.54 19.89
N PRO B 382 17.24 18.85 20.17
CA PRO B 382 16.18 19.57 20.89
C PRO B 382 14.91 19.71 20.06
N ALA B 383 15.04 19.90 18.75
CA ALA B 383 13.86 19.96 17.89
C ALA B 383 13.08 18.65 17.97
N LEU B 384 13.78 17.54 17.77
CA LEU B 384 13.19 16.21 17.85
C LEU B 384 12.59 15.98 19.24
N LEU B 385 13.36 16.31 20.28
CA LEU B 385 12.90 16.13 21.66
C LEU B 385 11.58 16.84 21.96
N ALA B 386 11.39 18.03 21.40
CA ALA B 386 10.14 18.74 21.55
C ALA B 386 8.97 17.93 20.97
N ARG B 387 9.22 17.28 19.84
CA ARG B 387 8.18 16.52 19.15
C ARG B 387 7.84 15.25 19.91
N VAL B 388 8.88 14.55 20.40
CA VAL B 388 8.68 13.38 21.23
C VAL B 388 7.91 13.73 22.51
N GLU B 389 8.15 14.91 23.07
CA GLU B 389 7.47 15.32 24.29
C GLU B 389 5.99 15.65 24.01
N ALA B 390 5.75 16.34 22.91
CA ALA B 390 4.38 16.64 22.49
C ALA B 390 3.57 15.36 22.26
N MSE B 391 4.18 14.40 21.56
CA MSE B 391 3.50 13.13 21.28
C MSE B 391 3.21 12.37 22.56
O MSE B 391 2.19 11.70 22.68
CB MSE B 391 4.33 12.27 20.32
CG MSE B 391 3.74 10.89 20.05
SE MSE B 391 1.95 10.91 19.24
CE MSE B 391 2.31 12.02 17.67
N ARG B 392 4.13 12.44 23.52
CA ARG B 392 3.93 11.84 24.82
C ARG B 392 2.64 12.37 25.42
N GLY B 393 2.43 13.69 25.31
CA GLY B 393 1.19 14.31 25.76
C GLY B 393 -0.03 13.65 25.14
N HIS B 394 0.02 13.39 23.84
CA HIS B 394 -1.09 12.73 23.16
C HIS B 394 -1.30 11.30 23.66
N VAL B 395 -0.22 10.57 23.87
CA VAL B 395 -0.32 9.20 24.40
C VAL B 395 -1.00 9.20 25.76
N ARG B 396 -0.59 10.13 26.63
CA ARG B 396 -1.15 10.25 27.97
C ARG B 396 -2.62 10.69 27.96
N ARG B 397 -2.98 11.51 26.98
CA ARG B 397 -4.36 11.99 26.83
C ARG B 397 -5.31 10.90 26.33
N ALA B 398 -4.78 9.88 25.67
CA ALA B 398 -5.60 8.91 24.94
C ALA B 398 -6.68 8.25 25.79
N GLY B 399 -6.40 8.02 27.07
CA GLY B 399 -7.43 7.49 27.96
C GLY B 399 -7.23 6.04 28.37
N GLY B 400 -6.53 5.27 27.55
CA GLY B 400 -6.18 3.91 27.89
C GLY B 400 -7.34 3.04 28.35
N ALA B 401 -7.06 2.12 29.26
CA ALA B 401 -8.00 1.08 29.65
C ALA B 401 -9.33 1.63 30.18
N ALA B 402 -9.28 2.75 30.89
CA ALA B 402 -10.49 3.33 31.46
C ALA B 402 -11.44 3.79 30.36
N ARG B 403 -10.89 4.48 29.37
CA ARG B 403 -11.68 4.98 28.26
C ARG B 403 -12.17 3.83 27.36
N ALA B 404 -11.34 2.81 27.23
CA ALA B 404 -11.73 1.64 26.46
C ALA B 404 -12.99 1.01 27.07
N ALA B 405 -12.95 0.77 28.37
CA ALA B 405 -14.06 0.14 29.08
C ALA B 405 -15.31 1.00 29.02
N ASP B 406 -15.13 2.31 29.14
CA ASP B 406 -16.26 3.24 29.03
C ASP B 406 -16.96 3.07 27.70
N ALA B 407 -16.18 3.03 26.63
CA ALA B 407 -16.74 2.92 25.28
C ALA B 407 -17.49 1.61 25.10
N VAL B 408 -16.92 0.53 25.64
CA VAL B 408 -17.56 -0.77 25.58
C VAL B 408 -18.91 -0.76 26.30
N GLU B 409 -18.96 -0.11 27.45
CA GLU B 409 -20.20 -0.02 28.23
C GLU B 409 -21.25 0.84 27.53
N ALA B 410 -20.82 1.96 26.96
CA ALA B 410 -21.71 2.79 26.15
C ALA B 410 -22.24 2.00 24.95
N TYR B 411 -21.40 1.11 24.44
CA TYR B 411 -21.77 0.26 23.31
C TYR B 411 -22.80 -0.78 23.71
N LEU B 412 -22.57 -1.46 24.83
CA LEU B 412 -23.53 -2.41 25.38
C LEU B 412 -24.87 -1.72 25.66
N ALA B 413 -24.79 -0.48 26.15
CA ALA B 413 -25.96 0.26 26.57
C ALA B 413 -26.92 0.55 25.42
N ARG B 414 -26.39 0.82 24.23
CA ARG B 414 -27.26 1.13 23.10
C ARG B 414 -27.49 -0.08 22.20
N ALA B 415 -27.30 -1.27 22.77
CA ALA B 415 -27.53 -2.50 22.05
C ALA B 415 -28.69 -3.29 22.66
PA TYD C . 4.94 4.26 -21.00
O1A TYD C . 3.67 3.57 -20.55
O2A TYD C . 6.00 3.45 -21.69
O3A TYD C . 5.68 5.05 -19.80
PB TYD C . 5.02 6.00 -18.67
O1B TYD C . 3.58 6.24 -19.08
O2B TYD C . 5.21 5.23 -17.40
O3B TYD C . 5.89 7.23 -18.77
O5' TYD C . 4.54 5.46 -22.01
C5' TYD C . 3.18 5.87 -22.12
C4' TYD C . 2.71 5.73 -23.55
O4' TYD C . 3.65 6.33 -24.44
C3' TYD C . 2.62 4.25 -23.93
O3' TYD C . 1.37 4.02 -24.58
C2' TYD C . 3.76 4.01 -24.92
C1' TYD C . 3.98 5.41 -25.49
N1 TYD C . 5.34 5.63 -25.98
C2 TYD C . 5.64 5.49 -27.35
O2 TYD C . 4.75 5.12 -28.15
N3 TYD C . 6.87 5.71 -27.83
C4 TYD C . 7.86 6.10 -27.00
O4 TYD C . 9.01 6.31 -27.46
C5 TYD C . 7.57 6.27 -25.56
C5M TYD C . 8.66 6.71 -24.62
C6 TYD C . 6.29 6.03 -25.10
C1 C0T D . -2.10 12.24 -5.37
N1 C0T D . -2.48 10.48 -6.96
O1 C0T D . -3.28 12.30 -5.10
S1 C0T D . 1.11 15.22 -9.59
C2 C0T D . -1.66 11.42 -6.51
N2 C0T D . 2.83 8.13 -13.08
O2 C0T D . -2.38 11.10 -9.11
S2 C0T D . 2.84 16.08 -9.06
C3 C0T D . -0.47 11.62 -7.04
O3 C0T D . -3.71 9.30 -8.64
S3 C0T D . 4.11 16.05 -10.60
C4 C0T D . 0.29 12.80 -6.65
O4 C0T D . 0.90 14.31 -4.92
C5 C0T D . 0.31 13.03 -5.16
O5 C0T D . 0.88 11.22 -9.03
C6 C0T D . -1.09 13.01 -4.55
O6 C0T D . 3.89 8.03 -13.73
C7 C0T D . -2.80 10.36 -8.24
O7 C0T D . 2.68 10.45 -10.31
C8 C0T D . -3.78 8.87 -10.00
O8 C0T D . -0.90 10.00 -10.90
C9 C0T D . 1.17 12.00 -4.54
O9 C0T D . 0.29 9.55 -13.52
C10 C0T D . 1.82 11.08 -4.21
C11 C0T D . 2.50 9.83 -4.13
C12 C0T D . 2.45 8.97 -5.14
C13 C0T D . 1.68 9.29 -6.31
C14 C0T D . 1.00 9.79 -7.12
C15 C0T D . 0.13 10.61 -7.98
C16 C0T D . 0.94 13.68 -7.44
C17 C0T D . 1.00 13.59 -8.94
C18 C0T D . 5.11 14.60 -10.52
C19 C0T D . 1.31 10.23 -9.96
C20 C0T D . 0.45 10.29 -11.23
C21 C0T D . 0.94 9.29 -12.27
C22 C0T D . 2.45 9.39 -12.47
C23 C0T D . 3.18 9.40 -11.12
C24 C0T D . 4.68 9.60 -11.32
P PO4 E . 22.23 6.68 -14.89
O1 PO4 E . 23.24 5.95 -14.02
O2 PO4 E . 22.91 7.49 -15.96
O3 PO4 E . 21.32 5.65 -15.55
O4 PO4 E . 21.44 7.62 -14.01
P PO4 F . 0.57 22.57 7.59
O1 PO4 F . 1.48 21.95 8.64
O2 PO4 F . 1.31 23.66 6.85
O3 PO4 F . 0.13 21.52 6.61
O4 PO4 F . -0.64 23.18 8.27
P PO4 G . 4.69 19.22 -25.25
O1 PO4 G . 5.67 19.24 -24.09
O2 PO4 G . 5.37 19.75 -26.49
O3 PO4 G . 4.21 17.82 -25.52
O4 PO4 G . 3.52 20.13 -24.92
PA TYD H . 7.47 -5.54 19.91
O1A TYD H . 6.31 -4.59 19.68
O2A TYD H . 8.80 -4.95 20.29
O3A TYD H . 7.79 -6.46 18.62
PB TYD H . 6.75 -7.26 17.69
O1B TYD H . 6.93 -6.59 16.34
O2B TYD H . 7.30 -8.65 17.76
O3B TYD H . 5.38 -7.07 18.29
O5' TYD H . 7.07 -6.61 21.05
C5' TYD H . 5.71 -6.87 21.37
C4' TYD H . 5.47 -6.63 22.85
O4' TYD H . 6.36 -7.42 23.63
C3' TYD H . 5.71 -5.18 23.20
O3' TYD H . 4.62 -4.69 23.98
C2' TYD H . 6.99 -5.17 24.03
C1' TYD H . 7.06 -6.58 24.56
N1 TYD H . 8.43 -7.09 24.78
C2 TYD H . 8.98 -7.04 26.08
O2 TYD H . 8.33 -6.54 27.02
N3 TYD H . 10.21 -7.50 26.33
C4 TYD H . 10.95 -8.02 25.37
O4 TYD H . 12.10 -8.45 25.62
C5 TYD H . 10.40 -8.11 24.00
C5M TYD H . 11.22 -8.71 22.89
C6 TYD H . 9.11 -7.62 23.76
C1 C0T I . -3.63 -11.51 5.79
N1 C0T I . -3.33 -9.71 7.35
O1 C0T I . -4.79 -11.19 5.61
S1 C0T I . -0.46 -15.19 9.65
C2 C0T I . -2.86 -10.83 6.83
N2 C0T I . 3.39 -8.95 12.56
O2 C0T I . -3.18 -10.42 9.48
S2 C0T I . 0.75 -16.32 8.54
C3 C0T I . -1.70 -11.32 7.23
O3 C0T I . -4.01 -8.30 9.17
S3 C0T I . 2.18 -17.11 9.69
C4 C0T I . -1.31 -12.66 6.79
O4 C0T I . -1.27 -14.25 5.01
C5 C0T I . -1.54 -12.88 5.31
O5 C0T I . 0.00 -11.29 8.98
C6 C0T I . -3.00 -12.58 4.93
O6 C0T I . 4.60 -9.13 12.83
C7 C0T I . -3.48 -9.55 8.67
O7 C0T I . 2.13 -11.04 9.88
C8 C0T I . -3.71 -7.88 10.51
O8 C0T I . -1.02 -9.65 11.12
C9 C0T I . -0.61 -12.05 4.54
O9 C0T I . 0.71 -9.62 13.46
C10 C0T I . 0.15 -11.28 4.08
C11 C0T I . 1.05 -10.19 3.86
C12 C0T I . 1.34 -9.35 4.84
C13 C0T I . 0.74 -9.51 6.12
C14 C0T I . 0.11 -9.87 7.06
C15 C0T I . -0.75 -10.51 8.06
C16 C0T I . -0.80 -13.66 7.51
C17 C0T I . -0.51 -13.56 8.99
C18 C0T I . 3.43 -15.92 10.02
C19 C0T I . 0.83 -10.47 9.79
C20 C0T I . 0.24 -10.32 11.19
C21 C0T I . 1.15 -9.53 12.11
C22 C0T I . 2.59 -10.04 12.03
C23 C0T I . 3.04 -10.19 10.57
C24 C0T I . 4.44 -10.78 10.49
P PO4 J . -5.14 -22.12 -7.20
O1 PO4 J . -5.08 -20.93 -6.27
O2 PO4 J . -4.05 -21.98 -8.26
O3 PO4 J . -4.93 -23.37 -6.39
O4 PO4 J . -6.50 -22.19 -7.85
P PO4 K . 22.57 -11.37 11.17
O1 PO4 K . 23.19 -12.36 12.13
O2 PO4 K . 23.57 -10.99 10.08
O3 PO4 K . 21.39 -12.05 10.50
O4 PO4 K . 22.15 -10.11 11.91
P PO4 L . 4.80 -20.33 24.45
O1 PO4 L . 5.73 -20.52 25.64
O2 PO4 L . 4.51 -18.85 24.32
O3 PO4 L . 5.46 -20.84 23.19
O4 PO4 L . 3.53 -21.11 24.72
P PO4 M . 4.47 -15.77 27.95
O1 PO4 M . 4.38 -16.89 28.97
O2 PO4 M . 5.85 -15.15 27.98
O3 PO4 M . 4.22 -16.33 26.55
O4 PO4 M . 3.46 -14.69 28.31
P PO4 N . 16.80 -13.96 30.61
O1 PO4 N . 17.28 -13.03 31.72
O2 PO4 N . 17.08 -13.37 29.25
O3 PO4 N . 17.56 -15.27 30.65
O4 PO4 N . 15.30 -14.17 30.77
#